data_8E63
#
_entry.id   8E63
#
_cell.length_a   55.091
_cell.length_b   98.552
_cell.length_c   59.072
_cell.angle_alpha   90.00
_cell.angle_beta   107.95
_cell.angle_gamma   90.00
#
_symmetry.space_group_name_H-M   'P 1 21 1'
#
loop_
_entity.id
_entity.type
_entity.pdbx_description
1 polymer '3C-like proteinase'
2 non-polymer '(1R,2S)-1-hydroxy-3-[(3S)-2-oxopyrrolidin-3-yl]-2-[(N-{[2-(phenylsulfanyl)ethoxy]carbonyl}-L-leucyl)amino]propane-1-sulfonic acid'
3 non-polymer '2-phenylsulfanylethyl ~{N}-[(2~{S})-1-[[(1~{S},2~{S})-1-[bis(oxidanyl)-oxidanylidene-$l^{5}-sulfanyl]-1-oxidanyl-3-[(3~{S})-2-oxidanylidenepyrrolidin-3-yl]propan-2-yl]amino]-4-methyl-1-oxidanylidene-pentan-2-yl]carbamate'
4 non-polymer 'TETRAETHYLENE GLYCOL'
5 water water
#
_entity_poly.entity_id   1
_entity_poly.type   'polypeptide(L)'
_entity_poly.pdbx_seq_one_letter_code
;SNIGSGFRKMAFPSGKVEGCMVQVTCGTTTLNGLWLDDVVYCPRHVICTSEDMLNPNYEDLLIRKSNHNFLVQAGNVQLR
VIGHSMQNCVLKLKVDTANPKTPKYKFVRIQPGQTFSVLACYNGSPSGVYQCAMRPNFTIKGSFLNGSCGSVGFNIDYDC
VSFCYMHHMELPTGVHAGTDLEGNFYGPFVDRQTAQAAGTDTTITVNVLAWLYAAVINGDRWFLNRFTTTLNDFNLVAMK
YNYEPLTQDHVDILGPLSAQTGIAVLDMCASLKELLQNGMNGRTILGSALLEDEFTPFDVVRQCSGVTF
;
_entity_poly.pdbx_strand_id   A,B
#
loop_
_chem_comp.id
_chem_comp.type
_chem_comp.name
_chem_comp.formula
PG4 non-polymer 'TETRAETHYLENE GLYCOL' 'C8 H18 O5'
UUR non-polymer '2-phenylsulfanylethyl ~{N}-[(2~{S})-1-[[(1~{S},2~{S})-1-[bis(oxidanyl)-oxidanylidene-$l^{5}-sulfanyl]-1-oxidanyl-3-[(3~{S})-2-oxidanylidenepyrrolidin-3-yl]propan-2-yl]amino]-4-methyl-1-oxidanylidene-pentan-2-yl]carbamate' 'C22 H33 N3 O8 S2'
UV2 non-polymer '(1R,2S)-1-hydroxy-3-[(3S)-2-oxopyrrolidin-3-yl]-2-[(N-{[2-(phenylsulfanyl)ethoxy]carbonyl}-L-leucyl)amino]propane-1-sulfonic acid' 'C22 H33 N3 O8 S2'
#
# COMPACT_ATOMS: atom_id res chain seq x y z
N GLY A 6 -3.11 -1.19 14.33
CA GLY A 6 -1.86 -0.54 14.64
C GLY A 6 -0.67 -1.16 13.91
N PHE A 7 -0.95 -2.15 13.05
CA PHE A 7 0.06 -2.80 12.22
C PHE A 7 -0.41 -2.96 10.79
N ARG A 8 0.33 -2.40 9.83
CA ARG A 8 -0.15 -2.36 8.46
C ARG A 8 0.97 -2.66 7.48
N LYS A 9 0.61 -3.27 6.37
CA LYS A 9 1.58 -3.48 5.31
C LYS A 9 1.81 -2.12 4.65
N MET A 10 3.04 -1.64 4.74
CA MET A 10 3.38 -0.27 4.44
C MET A 10 4.45 -0.24 3.36
N ALA A 11 4.20 0.48 2.29
CA ALA A 11 5.22 0.70 1.29
C ALA A 11 6.05 1.94 1.61
N PHE A 12 7.28 1.97 1.10
CA PHE A 12 8.09 3.18 1.18
C PHE A 12 7.45 4.30 0.37
N PRO A 13 7.59 5.55 0.79
CA PRO A 13 7.11 6.66 -0.03
C PRO A 13 7.79 6.61 -1.39
N SER A 14 7.00 6.76 -2.45
CA SER A 14 7.46 6.45 -3.81
C SER A 14 7.98 7.65 -4.61
N GLY A 15 7.98 8.85 -4.02
CA GLY A 15 8.29 10.05 -4.80
C GLY A 15 9.65 10.02 -5.48
N LYS A 16 10.68 9.59 -4.75
CA LYS A 16 12.00 9.55 -5.33
C LYS A 16 12.06 8.65 -6.55
N VAL A 17 11.21 7.62 -6.62
CA VAL A 17 11.19 6.72 -7.77
C VAL A 17 10.29 7.27 -8.87
N GLU A 18 9.16 7.93 -8.52
CA GLU A 18 8.27 8.48 -9.54
C GLU A 18 9.01 9.42 -10.46
N GLY A 19 9.93 10.21 -9.91
CA GLY A 19 10.64 11.17 -10.71
C GLY A 19 11.62 10.57 -11.68
N CYS A 20 11.78 9.25 -11.67
CA CYS A 20 12.61 8.55 -12.62
C CYS A 20 11.85 7.76 -13.66
N MET A 21 10.52 7.68 -13.58
CA MET A 21 9.83 6.81 -14.52
C MET A 21 9.63 7.52 -15.84
N VAL A 22 9.93 6.81 -16.94
CA VAL A 22 9.66 7.28 -18.29
C VAL A 22 8.98 6.18 -19.08
N GLN A 23 8.52 6.55 -20.27
CA GLN A 23 7.90 5.64 -21.22
C GLN A 23 8.89 5.33 -22.32
N VAL A 24 8.96 4.05 -22.72
CA VAL A 24 9.87 3.57 -23.77
C VAL A 24 9.07 2.80 -24.80
N THR A 25 9.23 3.15 -26.07
CA THR A 25 8.43 2.52 -27.10
C THR A 25 9.33 2.08 -28.24
N CYS A 26 9.12 0.85 -28.68
CA CYS A 26 9.71 0.33 -29.92
C CYS A 26 8.57 -0.21 -30.75
N GLY A 27 8.38 0.36 -31.94
CA GLY A 27 7.30 -0.13 -32.77
C GLY A 27 5.98 -0.04 -32.04
N THR A 28 5.29 -1.18 -31.93
CA THR A 28 3.99 -1.27 -31.28
C THR A 28 4.09 -1.66 -29.82
N THR A 29 5.30 -1.73 -29.27
CA THR A 29 5.48 -2.21 -27.91
C THR A 29 5.89 -1.04 -27.02
N THR A 30 5.08 -0.78 -25.99
CA THR A 30 5.35 0.30 -25.05
C THR A 30 5.44 -0.27 -23.64
N LEU A 31 6.44 0.17 -22.89
CA LEU A 31 6.54 -0.20 -21.48
C LEU A 31 7.30 0.91 -20.77
N ASN A 32 7.67 0.67 -19.50
CA ASN A 32 8.24 1.71 -18.68
C ASN A 32 9.74 1.58 -18.60
N GLY A 33 10.42 2.72 -18.41
CA GLY A 33 11.84 2.73 -18.09
C GLY A 33 12.17 3.55 -16.86
N LEU A 34 13.35 3.29 -16.31
CA LEU A 34 13.90 3.94 -15.15
C LEU A 34 15.04 4.83 -15.60
N TRP A 35 14.87 6.14 -15.41
CA TRP A 35 15.78 7.19 -15.92
C TRP A 35 16.65 7.68 -14.76
N LEU A 36 17.91 7.24 -14.74
CA LEU A 36 18.86 7.60 -13.71
C LEU A 36 20.05 8.27 -14.37
N ASP A 37 20.40 9.46 -13.91
CA ASP A 37 21.43 10.27 -14.55
C ASP A 37 21.11 10.32 -16.03
N ASP A 38 22.02 9.90 -16.93
CA ASP A 38 21.74 9.96 -18.36
C ASP A 38 21.49 8.59 -18.97
N VAL A 39 20.94 7.64 -18.20
CA VAL A 39 20.68 6.31 -18.72
C VAL A 39 19.26 5.94 -18.38
N VAL A 40 18.56 5.30 -19.32
CA VAL A 40 17.24 4.72 -19.10
C VAL A 40 17.35 3.20 -19.15
N TYR A 41 16.88 2.54 -18.10
CA TYR A 41 16.90 1.10 -17.98
C TYR A 41 15.49 0.56 -18.18
N CYS A 42 15.34 -0.48 -19.00
CA CYS A 42 14.04 -1.07 -19.25
C CYS A 42 14.20 -2.52 -19.68
N PRO A 43 13.12 -3.28 -19.66
CA PRO A 43 13.20 -4.68 -20.09
C PRO A 43 13.52 -4.75 -21.57
N ARG A 44 14.41 -5.68 -21.93
CA ARG A 44 14.84 -5.77 -23.33
C ARG A 44 13.74 -6.22 -24.24
N HIS A 45 12.72 -6.91 -23.75
CA HIS A 45 11.72 -7.38 -24.68
C HIS A 45 10.92 -6.24 -25.30
N VAL A 46 11.17 -4.98 -24.95
CA VAL A 46 10.58 -3.87 -25.68
C VAL A 46 10.96 -3.96 -27.14
N ILE A 47 12.10 -4.59 -27.45
CA ILE A 47 12.53 -4.63 -28.86
C ILE A 47 11.85 -5.74 -29.63
N CYS A 48 10.99 -6.53 -29.00
CA CYS A 48 10.29 -7.63 -29.65
C CYS A 48 8.97 -7.19 -30.25
N THR A 49 8.58 -7.85 -31.34
CA THR A 49 7.26 -7.74 -31.92
C THR A 49 6.43 -8.95 -31.48
N SER A 50 5.29 -9.14 -32.13
CA SER A 50 4.50 -10.35 -31.97
C SER A 50 5.37 -11.58 -32.22
N GLU A 51 5.64 -11.90 -33.49
CA GLU A 51 6.36 -13.12 -33.82
C GLU A 51 7.63 -13.30 -32.99
N ASP A 52 8.21 -12.20 -32.50
CA ASP A 52 9.51 -12.31 -31.83
C ASP A 52 9.37 -12.93 -30.45
N MET A 53 8.30 -12.60 -29.73
CA MET A 53 8.26 -12.90 -28.29
C MET A 53 8.27 -14.39 -28.00
N LEU A 54 7.91 -15.24 -28.99
CA LEU A 54 7.80 -16.68 -28.74
C LEU A 54 9.15 -17.31 -28.44
N ASN A 55 10.15 -16.99 -29.26
CA ASN A 55 11.54 -17.42 -29.04
C ASN A 55 12.46 -16.37 -29.63
N PRO A 56 12.74 -15.31 -28.87
CA PRO A 56 13.53 -14.21 -29.42
C PRO A 56 15.03 -14.45 -29.32
N ASN A 57 15.75 -14.07 -30.37
CA ASN A 57 17.21 -13.99 -30.35
C ASN A 57 17.52 -12.52 -30.11
N TYR A 58 17.75 -12.17 -28.85
CA TYR A 58 17.77 -10.75 -28.51
C TYR A 58 19.00 -10.04 -29.08
N GLU A 59 20.17 -10.68 -29.07
CA GLU A 59 21.33 -10.04 -29.67
C GLU A 59 21.08 -9.78 -31.16
N ASP A 60 20.41 -10.72 -31.82
CA ASP A 60 20.05 -10.54 -33.22
C ASP A 60 19.07 -9.38 -33.40
N LEU A 61 18.02 -9.34 -32.59
CA LEU A 61 17.07 -8.24 -32.69
C LEU A 61 17.73 -6.91 -32.39
N LEU A 62 18.68 -6.90 -31.45
CA LEU A 62 19.24 -5.65 -30.99
C LEU A 62 20.18 -5.05 -32.03
N ILE A 63 20.96 -5.90 -32.70
CA ILE A 63 21.91 -5.37 -33.67
C ILE A 63 21.18 -4.75 -34.85
N ARG A 64 19.97 -5.19 -35.13
CA ARG A 64 19.18 -4.62 -36.22
C ARG A 64 18.48 -3.32 -35.81
N LYS A 65 18.72 -2.81 -34.59
CA LYS A 65 18.08 -1.59 -34.13
C LYS A 65 19.04 -0.41 -34.16
N SER A 66 18.48 0.78 -34.36
CA SER A 66 19.21 2.04 -34.26
C SER A 66 18.68 2.84 -33.07
N ASN A 67 19.51 3.79 -32.64
CA ASN A 67 19.10 4.67 -31.55
C ASN A 67 17.76 5.33 -31.85
N HIS A 68 17.50 5.69 -33.10
CA HIS A 68 16.29 6.45 -33.40
C HIS A 68 15.03 5.61 -33.38
N ASN A 69 15.14 4.27 -33.34
CA ASN A 69 13.95 3.45 -33.23
C ASN A 69 13.37 3.45 -31.82
N PHE A 70 14.11 3.95 -30.84
CA PHE A 70 13.65 3.98 -29.45
C PHE A 70 13.01 5.32 -29.19
N LEU A 71 11.74 5.31 -28.80
CA LEU A 71 11.02 6.52 -28.46
C LEU A 71 10.91 6.57 -26.94
N VAL A 72 11.61 7.51 -26.31
CA VAL A 72 11.60 7.67 -24.85
C VAL A 72 10.90 8.99 -24.54
N GLN A 73 9.85 8.93 -23.73
CA GLN A 73 9.10 10.13 -23.38
C GLN A 73 9.09 10.28 -21.87
N ALA A 74 9.62 11.39 -21.39
CA ALA A 74 9.48 11.83 -20.00
C ALA A 74 8.34 12.83 -19.94
N GLY A 75 7.15 12.32 -19.67
CA GLY A 75 5.98 13.18 -19.73
C GLY A 75 5.73 13.60 -21.17
N ASN A 76 5.50 14.89 -21.36
CA ASN A 76 5.28 15.44 -22.69
C ASN A 76 6.58 15.81 -23.38
N VAL A 77 7.70 15.23 -22.93
CA VAL A 77 9.03 15.58 -23.41
C VAL A 77 9.73 14.32 -23.92
N GLN A 78 10.23 14.38 -25.15
CA GLN A 78 10.95 13.26 -25.73
C GLN A 78 12.42 13.42 -25.42
N LEU A 79 13.06 12.33 -25.03
CA LEU A 79 14.50 12.32 -24.80
C LEU A 79 15.16 11.65 -25.98
N ARG A 80 16.33 12.14 -26.36
CA ARG A 80 17.04 11.65 -27.51
C ARG A 80 17.98 10.53 -27.08
N VAL A 81 17.78 9.34 -27.62
CA VAL A 81 18.67 8.21 -27.38
C VAL A 81 19.93 8.37 -28.21
N ILE A 82 21.09 8.39 -27.56
CA ILE A 82 22.37 8.56 -28.22
C ILE A 82 23.26 7.34 -28.07
N GLY A 83 22.72 6.22 -27.60
CA GLY A 83 23.53 5.05 -27.38
C GLY A 83 22.67 4.00 -26.71
N HIS A 84 22.96 2.73 -26.97
CA HIS A 84 22.22 1.65 -26.33
C HIS A 84 23.14 0.46 -26.11
N SER A 85 22.83 -0.31 -25.09
CA SER A 85 23.54 -1.55 -24.81
C SER A 85 22.57 -2.45 -24.05
N MET A 86 22.94 -3.70 -23.96
CA MET A 86 22.11 -4.71 -23.33
C MET A 86 22.95 -5.34 -22.24
N GLN A 87 22.38 -5.43 -21.03
CA GLN A 87 23.03 -6.15 -19.94
C GLN A 87 22.04 -7.21 -19.49
N ASN A 88 22.32 -8.46 -19.85
CA ASN A 88 21.42 -9.58 -19.58
C ASN A 88 20.02 -9.22 -20.12
N CYS A 89 18.97 -9.27 -19.30
CA CYS A 89 17.64 -9.00 -19.82
C CYS A 89 17.23 -7.53 -19.71
N VAL A 90 18.15 -6.62 -19.42
CA VAL A 90 17.83 -5.20 -19.37
CA VAL A 90 17.87 -5.19 -19.33
C VAL A 90 18.57 -4.46 -20.48
N LEU A 91 17.85 -3.55 -21.10
CA LEU A 91 18.38 -2.64 -22.11
C LEU A 91 18.73 -1.33 -21.41
N LYS A 92 19.88 -0.78 -21.75
CA LYS A 92 20.33 0.51 -21.23
C LYS A 92 20.39 1.50 -22.38
N LEU A 93 19.57 2.55 -22.31
CA LEU A 93 19.48 3.58 -23.33
C LEU A 93 20.18 4.83 -22.81
N LYS A 94 21.25 5.26 -23.49
CA LYS A 94 21.90 6.51 -23.11
C LYS A 94 21.14 7.62 -23.81
N VAL A 95 20.78 8.64 -23.05
CA VAL A 95 20.07 9.80 -23.57
C VAL A 95 20.97 11.02 -23.38
N ASP A 96 20.61 12.10 -24.05
CA ASP A 96 21.46 13.29 -24.03
C ASP A 96 21.14 14.22 -22.88
N THR A 97 20.19 13.87 -22.02
CA THR A 97 19.76 14.72 -20.92
C THR A 97 19.89 13.95 -19.61
N ALA A 98 20.43 14.59 -18.60
CA ALA A 98 20.50 13.97 -17.29
C ALA A 98 19.20 14.21 -16.55
N ASN A 99 18.73 13.19 -15.83
CA ASN A 99 17.55 13.40 -14.99
C ASN A 99 17.89 14.18 -13.74
N PRO A 100 17.44 15.45 -13.60
CA PRO A 100 17.76 16.19 -12.38
C PRO A 100 17.12 15.61 -11.14
N LYS A 101 16.05 14.82 -11.29
CA LYS A 101 15.38 14.22 -10.15
C LYS A 101 16.00 12.88 -9.71
N THR A 102 17.16 12.51 -10.26
CA THR A 102 17.85 11.28 -9.87
C THR A 102 18.14 11.29 -8.37
N PRO A 103 17.67 10.31 -7.61
CA PRO A 103 18.03 10.26 -6.19
C PRO A 103 19.38 9.61 -6.02
N LYS A 104 19.92 9.70 -4.81
CA LYS A 104 21.03 8.80 -4.46
C LYS A 104 20.50 7.38 -4.56
N TYR A 105 21.25 6.50 -5.22
CA TYR A 105 20.73 5.15 -5.40
C TYR A 105 21.83 4.13 -5.53
N LYS A 106 21.44 2.87 -5.36
CA LYS A 106 22.28 1.73 -5.67
C LYS A 106 21.40 0.64 -6.25
N PHE A 107 22.04 -0.33 -6.89
CA PHE A 107 21.39 -1.51 -7.41
C PHE A 107 21.76 -2.68 -6.52
N VAL A 108 20.76 -3.38 -6.02
CA VAL A 108 21.04 -4.51 -5.15
C VAL A 108 20.26 -5.71 -5.62
N ARG A 109 20.78 -6.89 -5.32
CA ARG A 109 20.05 -8.10 -5.58
C ARG A 109 19.51 -8.60 -4.25
N ILE A 110 18.19 -8.70 -4.10
CA ILE A 110 17.65 -9.04 -2.81
C ILE A 110 17.58 -10.56 -2.66
N GLN A 111 17.54 -11.00 -1.37
CA GLN A 111 17.48 -12.39 -1.01
C GLN A 111 16.03 -12.81 -0.85
N PRO A 112 15.75 -14.08 -1.08
CA PRO A 112 14.39 -14.56 -0.87
C PRO A 112 14.00 -14.36 0.58
N GLY A 113 12.77 -13.94 0.78
CA GLY A 113 12.29 -13.57 2.09
C GLY A 113 12.37 -12.09 2.42
N GLN A 114 13.21 -11.33 1.72
CA GLN A 114 13.26 -9.90 1.91
C GLN A 114 12.07 -9.24 1.20
N THR A 115 11.71 -8.05 1.66
CA THR A 115 10.58 -7.32 1.12
C THR A 115 11.07 -6.05 0.42
N PHE A 116 10.19 -5.50 -0.40
CA PHE A 116 10.52 -4.30 -1.14
C PHE A 116 9.20 -3.70 -1.58
N SER A 117 9.24 -2.43 -1.93
CA SER A 117 8.08 -1.73 -2.45
C SER A 117 8.07 -1.78 -3.97
N VAL A 118 6.89 -1.90 -4.54
CA VAL A 118 6.71 -1.89 -5.99
C VAL A 118 5.97 -0.61 -6.38
N LEU A 119 6.50 0.12 -7.37
CA LEU A 119 5.80 1.26 -7.95
C LEU A 119 5.30 0.79 -9.30
N ALA A 120 4.04 0.43 -9.35
CA ALA A 120 3.43 -0.06 -10.58
C ALA A 120 3.15 1.13 -11.49
N CYS A 121 3.57 1.03 -12.76
CA CYS A 121 3.50 2.13 -13.70
C CYS A 121 2.95 1.64 -15.04
N TYR A 122 2.26 2.53 -15.74
CA TYR A 122 1.71 2.23 -17.07
C TYR A 122 2.01 3.45 -17.93
N ASN A 123 2.56 3.23 -19.12
CA ASN A 123 2.86 4.33 -20.03
C ASN A 123 3.72 5.38 -19.35
N GLY A 124 4.68 4.91 -18.56
CA GLY A 124 5.60 5.81 -17.91
C GLY A 124 5.00 6.57 -16.75
N SER A 125 3.73 6.34 -16.42
CA SER A 125 3.04 7.04 -15.34
C SER A 125 2.83 6.16 -14.12
N PRO A 126 3.32 6.57 -12.95
CA PRO A 126 3.03 5.84 -11.71
C PRO A 126 1.54 5.68 -11.46
N SER A 127 1.14 4.45 -11.11
CA SER A 127 -0.26 4.17 -10.86
C SER A 127 -0.54 3.65 -9.45
N GLY A 128 0.37 2.88 -8.83
CA GLY A 128 0.12 2.44 -7.47
C GLY A 128 1.39 1.93 -6.81
N VAL A 129 1.36 1.81 -5.47
CA VAL A 129 2.53 1.36 -4.73
C VAL A 129 2.07 0.35 -3.70
N TYR A 130 2.86 -0.72 -3.54
CA TYR A 130 2.51 -1.74 -2.57
C TYR A 130 3.77 -2.53 -2.22
N GLN A 131 3.69 -3.24 -1.12
CA GLN A 131 4.80 -4.05 -0.64
C GLN A 131 4.69 -5.50 -1.15
N CYS A 132 5.85 -6.08 -1.51
CA CYS A 132 5.99 -7.44 -2.01
C CYS A 132 7.14 -8.09 -1.27
N ALA A 133 7.12 -9.41 -1.21
CA ALA A 133 8.28 -10.15 -0.78
C ALA A 133 8.81 -10.96 -1.96
N MET A 134 10.13 -11.08 -2.02
CA MET A 134 10.73 -12.06 -2.90
C MET A 134 10.47 -13.45 -2.32
N ARG A 135 9.67 -14.27 -3.01
CA ARG A 135 9.30 -15.60 -2.50
C ARG A 135 10.52 -16.52 -2.51
N PRO A 136 10.50 -17.57 -1.68
CA PRO A 136 11.58 -18.56 -1.75
C PRO A 136 11.75 -19.17 -3.14
N ASN A 137 10.67 -19.31 -3.92
CA ASN A 137 10.76 -19.82 -5.29
C ASN A 137 10.98 -18.69 -6.29
N PHE A 138 11.33 -17.49 -5.80
CA PHE A 138 11.77 -16.35 -6.59
C PHE A 138 10.69 -15.78 -7.49
N THR A 139 9.44 -16.05 -7.20
CA THR A 139 8.34 -15.26 -7.72
C THR A 139 7.97 -14.15 -6.73
N ILE A 140 7.12 -13.22 -7.18
CA ILE A 140 6.51 -12.25 -6.30
C ILE A 140 5.01 -12.21 -6.59
N LYS A 141 4.24 -11.95 -5.56
CA LYS A 141 2.79 -11.91 -5.68
C LYS A 141 2.43 -10.43 -5.80
N GLY A 142 2.45 -9.94 -7.03
CA GLY A 142 2.20 -8.54 -7.29
C GLY A 142 0.85 -8.35 -7.94
N SER A 143 0.67 -7.13 -8.40
CA SER A 143 -0.53 -6.72 -9.13
CA SER A 143 -0.53 -6.71 -9.12
C SER A 143 0.00 -5.96 -10.33
N PHE A 144 0.03 -6.63 -11.46
CA PHE A 144 0.63 -6.10 -12.67
C PHE A 144 -0.27 -6.46 -13.84
N LEU A 145 -0.55 -5.49 -14.68
CA LEU A 145 -1.36 -5.70 -15.88
C LEU A 145 -0.53 -5.49 -17.15
N ASN A 146 -1.18 -5.65 -18.30
CA ASN A 146 -0.54 -5.28 -19.55
C ASN A 146 0.05 -3.88 -19.45
N GLY A 147 1.30 -3.75 -19.90
CA GLY A 147 1.98 -2.48 -19.91
C GLY A 147 2.75 -2.14 -18.65
N SER A 148 2.76 -3.03 -17.66
CA SER A 148 3.43 -2.76 -16.40
C SER A 148 4.93 -3.06 -16.43
N CYS A 149 5.42 -3.71 -17.48
CA CYS A 149 6.84 -4.07 -17.52
C CYS A 149 7.72 -2.82 -17.43
N GLY A 150 8.83 -2.98 -16.72
CA GLY A 150 9.69 -1.85 -16.40
C GLY A 150 9.37 -1.16 -15.09
N SER A 151 8.19 -1.43 -14.52
CA SER A 151 7.93 -1.07 -13.12
C SER A 151 9.02 -1.67 -12.24
N VAL A 152 9.43 -0.93 -11.20
CA VAL A 152 10.56 -1.36 -10.37
C VAL A 152 10.13 -1.53 -8.92
N GLY A 153 10.90 -2.37 -8.25
CA GLY A 153 10.84 -2.57 -6.82
C GLY A 153 12.05 -1.98 -6.12
N PHE A 154 11.86 -1.50 -4.88
CA PHE A 154 12.93 -0.78 -4.25
C PHE A 154 12.74 -0.73 -2.76
N ASN A 155 13.84 -0.41 -2.06
CA ASN A 155 13.82 -0.03 -0.66
C ASN A 155 14.49 1.33 -0.52
N ILE A 156 14.20 2.01 0.60
CA ILE A 156 14.81 3.30 0.88
C ILE A 156 15.48 3.21 2.25
N ASP A 157 16.77 3.44 2.28
CA ASP A 157 17.54 3.54 3.52
C ASP A 157 18.14 4.94 3.56
N TYR A 158 17.69 5.75 4.51
CA TYR A 158 18.17 7.13 4.68
C TYR A 158 17.85 7.89 3.40
N ASP A 159 18.82 8.48 2.71
CA ASP A 159 18.53 9.20 1.48
C ASP A 159 18.57 8.30 0.25
N CYS A 160 18.86 7.00 0.41
CA CYS A 160 19.35 6.16 -0.67
C CYS A 160 18.27 5.18 -1.14
N VAL A 161 18.00 5.18 -2.44
CA VAL A 161 17.06 4.24 -3.03
C VAL A 161 17.84 3.04 -3.56
N SER A 162 17.52 1.87 -3.04
CA SER A 162 18.12 0.63 -3.48
C SER A 162 17.12 -0.09 -4.38
N PHE A 163 17.42 -0.09 -5.67
CA PHE A 163 16.57 -0.75 -6.66
C PHE A 163 16.93 -2.22 -6.69
N CYS A 164 15.92 -3.08 -6.57
CA CYS A 164 16.16 -4.51 -6.51
C CYS A 164 15.37 -5.34 -7.53
N TYR A 165 14.39 -4.76 -8.23
CA TYR A 165 13.47 -5.54 -9.05
C TYR A 165 13.00 -4.69 -10.22
N MET A 166 12.98 -5.30 -11.40
CA MET A 166 12.31 -4.77 -12.57
C MET A 166 11.38 -5.83 -13.11
N HIS A 167 10.17 -5.43 -13.42
CA HIS A 167 9.13 -6.37 -13.77
C HIS A 167 9.16 -6.79 -15.24
N HIS A 168 9.02 -8.11 -15.49
CA HIS A 168 9.03 -8.66 -16.84
C HIS A 168 7.86 -9.57 -17.23
N MET A 169 7.25 -10.31 -16.31
CA MET A 169 6.29 -11.29 -16.78
C MET A 169 5.35 -11.76 -15.69
N GLU A 170 4.25 -12.34 -16.16
CA GLU A 170 3.24 -12.97 -15.30
C GLU A 170 3.17 -14.44 -15.64
N LEU A 171 3.24 -15.27 -14.63
CA LEU A 171 3.13 -16.71 -14.78
C LEU A 171 1.67 -17.15 -14.82
N PRO A 172 1.41 -18.33 -15.37
CA PRO A 172 0.01 -18.79 -15.50
C PRO A 172 -0.74 -18.84 -14.19
N THR A 173 -0.05 -19.08 -13.07
CA THR A 173 -0.68 -19.10 -11.77
C THR A 173 -1.04 -17.71 -11.27
N GLY A 174 -0.65 -16.68 -12.01
CA GLY A 174 -0.94 -15.32 -11.64
C GLY A 174 0.10 -14.65 -10.77
N VAL A 175 1.20 -15.30 -10.46
CA VAL A 175 2.30 -14.63 -9.77
C VAL A 175 3.22 -14.04 -10.85
N HIS A 176 4.28 -13.37 -10.41
CA HIS A 176 5.05 -12.50 -11.27
C HIS A 176 6.53 -12.81 -11.18
N ALA A 177 7.26 -12.45 -12.24
CA ALA A 177 8.68 -12.71 -12.30
C ALA A 177 9.41 -11.57 -12.99
N GLY A 178 10.64 -11.36 -12.54
CA GLY A 178 11.43 -10.26 -13.07
C GLY A 178 12.88 -10.39 -12.69
N THR A 179 13.61 -9.30 -12.91
CA THR A 179 15.05 -9.27 -12.80
C THR A 179 15.51 -8.24 -11.77
N ASP A 180 16.79 -8.35 -11.42
CA ASP A 180 17.44 -7.26 -10.72
C ASP A 180 17.82 -6.21 -11.76
N LEU A 181 18.44 -5.12 -11.32
CA LEU A 181 18.69 -4.05 -12.28
C LEU A 181 19.94 -4.30 -13.11
N GLU A 182 20.62 -5.42 -12.87
CA GLU A 182 21.60 -5.92 -13.81
C GLU A 182 20.97 -6.82 -14.86
N GLY A 183 19.66 -7.04 -14.82
CA GLY A 183 19.01 -7.83 -15.84
C GLY A 183 19.01 -9.33 -15.63
N ASN A 184 19.44 -9.81 -14.48
CA ASN A 184 19.41 -11.23 -14.19
C ASN A 184 18.10 -11.59 -13.50
N PHE A 185 17.42 -12.59 -14.03
CA PHE A 185 16.16 -13.01 -13.43
C PHE A 185 16.38 -13.47 -12.00
N TYR A 186 15.37 -13.20 -11.18
CA TYR A 186 15.19 -13.96 -9.97
C TYR A 186 14.49 -15.25 -10.37
N GLY A 187 15.11 -16.38 -10.08
CA GLY A 187 14.47 -17.64 -10.39
C GLY A 187 14.81 -18.19 -11.76
N PRO A 188 14.21 -19.33 -12.07
CA PRO A 188 14.54 -20.05 -13.29
C PRO A 188 13.73 -19.61 -14.51
N PHE A 189 13.37 -18.33 -14.59
CA PHE A 189 12.49 -17.87 -15.65
C PHE A 189 13.27 -17.26 -16.79
N VAL A 190 12.60 -17.14 -17.92
CA VAL A 190 13.17 -16.63 -19.15
CA VAL A 190 13.20 -16.58 -19.12
C VAL A 190 12.20 -15.62 -19.75
N ASP A 191 12.74 -14.56 -20.35
CA ASP A 191 11.88 -13.55 -20.97
C ASP A 191 11.53 -13.99 -22.41
N ARG A 192 10.71 -15.04 -22.47
CA ARG A 192 10.04 -15.44 -23.69
C ARG A 192 8.56 -15.72 -23.39
N GLN A 193 7.72 -15.51 -24.39
CA GLN A 193 6.27 -15.64 -24.23
C GLN A 193 5.91 -17.13 -24.16
N THR A 194 6.15 -17.75 -23.01
CA THR A 194 5.84 -19.16 -22.81
C THR A 194 5.28 -19.35 -21.41
N ALA A 195 4.44 -20.38 -21.27
CA ALA A 195 3.93 -20.70 -19.94
C ALA A 195 5.03 -21.33 -19.11
N GLN A 196 5.40 -20.65 -18.02
CA GLN A 196 6.44 -21.14 -17.14
C GLN A 196 5.89 -21.39 -15.75
N ALA A 197 6.30 -22.50 -15.18
CA ALA A 197 5.96 -22.89 -13.83
C ALA A 197 7.14 -22.61 -12.92
N ALA A 198 6.83 -22.30 -11.68
CA ALA A 198 7.85 -22.05 -10.68
C ALA A 198 8.10 -23.31 -9.87
N GLY A 199 9.21 -23.30 -9.14
CA GLY A 199 9.45 -24.32 -8.15
C GLY A 199 8.41 -24.24 -7.05
N THR A 200 8.36 -25.29 -6.22
CA THR A 200 7.39 -25.33 -5.15
C THR A 200 7.61 -24.17 -4.21
N ASP A 201 6.57 -23.44 -3.93
CA ASP A 201 6.77 -22.31 -3.07
C ASP A 201 6.67 -22.80 -1.64
N THR A 202 7.45 -22.16 -0.79
CA THR A 202 7.48 -22.42 0.63
C THR A 202 7.13 -21.13 1.34
N THR A 203 6.80 -21.25 2.61
CA THR A 203 6.40 -20.10 3.42
C THR A 203 7.62 -19.57 4.17
N ILE A 204 7.73 -18.24 4.25
CA ILE A 204 8.90 -17.59 4.86
C ILE A 204 8.70 -17.59 6.38
N THR A 205 9.34 -18.53 7.07
CA THR A 205 9.00 -18.83 8.46
C THR A 205 9.40 -17.69 9.38
N VAL A 206 10.57 -17.10 9.17
CA VAL A 206 11.03 -16.00 10.03
C VAL A 206 10.04 -14.83 9.94
N ASN A 207 9.46 -14.62 8.77
CA ASN A 207 8.46 -13.56 8.62
C ASN A 207 7.14 -13.92 9.30
N VAL A 208 6.69 -15.18 9.24
CA VAL A 208 5.47 -15.54 9.97
C VAL A 208 5.68 -15.28 11.45
N LEU A 209 6.89 -15.59 11.94
CA LEU A 209 7.13 -15.36 13.36
C LEU A 209 7.11 -13.87 13.67
N ALA A 210 7.78 -13.05 12.85
CA ALA A 210 7.69 -11.60 13.04
C ALA A 210 6.24 -11.15 13.13
N TRP A 211 5.40 -11.63 12.23
CA TRP A 211 4.02 -11.20 12.18
C TRP A 211 3.25 -11.66 13.41
N LEU A 212 3.52 -12.89 13.87
CA LEU A 212 2.90 -13.35 15.11
C LEU A 212 3.27 -12.45 16.27
N TYR A 213 4.54 -12.03 16.35
CA TYR A 213 4.96 -11.07 17.37
C TYR A 213 4.23 -9.74 17.22
N ALA A 214 4.09 -9.27 15.98
CA ALA A 214 3.29 -8.07 15.75
C ALA A 214 1.88 -8.25 16.29
N ALA A 215 1.29 -9.42 16.12
CA ALA A 215 -0.08 -9.60 16.56
C ALA A 215 -0.16 -9.58 18.08
N VAL A 216 0.90 -10.01 18.74
CA VAL A 216 0.94 -9.97 20.19
C VAL A 216 1.05 -8.53 20.67
N ILE A 217 1.96 -7.76 20.06
CA ILE A 217 2.11 -6.35 20.40
C ILE A 217 0.76 -5.62 20.30
N ASN A 218 0.02 -5.85 19.21
CA ASN A 218 -1.32 -5.29 19.10
C ASN A 218 -2.38 -6.13 19.83
N GLY A 219 -1.99 -6.97 20.81
CA GLY A 219 -2.93 -7.53 21.77
C GLY A 219 -3.73 -8.74 21.34
N ASP A 220 -3.33 -9.44 20.28
CA ASP A 220 -4.03 -10.63 19.78
C ASP A 220 -3.13 -11.82 20.14
N ARG A 221 -3.47 -12.57 21.19
CA ARG A 221 -2.56 -13.63 21.63
C ARG A 221 -3.28 -14.96 21.90
N TRP A 222 -4.43 -15.17 21.25
CA TRP A 222 -5.15 -16.44 21.41
C TRP A 222 -4.34 -17.65 20.96
N PHE A 223 -3.40 -17.47 20.05
CA PHE A 223 -2.64 -18.58 19.49
C PHE A 223 -1.47 -19.01 20.38
N LEU A 224 -1.06 -18.19 21.34
CA LEU A 224 0.08 -18.50 22.19
C LEU A 224 -0.16 -19.77 23.02
N ASN A 225 0.94 -20.34 23.53
CA ASN A 225 0.82 -21.52 24.38
C ASN A 225 1.96 -21.57 25.38
N ARG A 226 1.80 -22.42 26.39
CA ARG A 226 2.82 -22.62 27.41
C ARG A 226 3.90 -23.61 26.97
N PHE A 227 3.72 -24.28 25.83
CA PHE A 227 4.65 -25.30 25.37
C PHE A 227 5.94 -24.67 24.81
N THR A 228 6.91 -25.53 24.50
CA THR A 228 8.15 -25.06 23.89
C THR A 228 8.72 -26.17 23.00
N THR A 229 9.82 -25.85 22.32
CA THR A 229 10.35 -26.72 21.28
C THR A 229 11.81 -26.37 21.08
N THR A 230 12.56 -27.35 20.63
CA THR A 230 13.90 -27.09 20.18
C THR A 230 13.87 -26.53 18.75
N LEU A 231 14.95 -25.85 18.41
CA LEU A 231 15.06 -25.31 17.05
C LEU A 231 14.95 -26.42 16.01
N ASN A 232 15.67 -27.53 16.21
CA ASN A 232 15.64 -28.58 15.20
C ASN A 232 14.27 -29.24 15.11
N ASP A 233 13.63 -29.50 16.25
CA ASP A 233 12.33 -30.12 16.21
C ASP A 233 11.31 -29.21 15.55
N PHE A 234 11.44 -27.91 15.78
CA PHE A 234 10.56 -26.98 15.07
C PHE A 234 10.80 -27.08 13.58
N ASN A 235 12.07 -27.11 13.16
CA ASN A 235 12.38 -27.14 11.74
C ASN A 235 11.90 -28.42 11.07
N LEU A 236 11.90 -29.55 11.79
CA LEU A 236 11.34 -30.76 11.21
C LEU A 236 9.88 -30.55 10.86
N VAL A 237 9.12 -29.95 11.75
CA VAL A 237 7.70 -29.73 11.47
C VAL A 237 7.53 -28.72 10.37
N ALA A 238 8.29 -27.62 10.43
CA ALA A 238 8.26 -26.62 9.37
C ALA A 238 8.44 -27.24 8.00
N MET A 239 9.48 -28.04 7.83
CA MET A 239 9.76 -28.59 6.51
C MET A 239 8.62 -29.49 6.07
N LYS A 240 8.04 -30.22 7.00
CA LYS A 240 6.92 -31.08 6.66
C LYS A 240 5.79 -30.29 6.02
N TYR A 241 5.60 -29.05 6.48
CA TYR A 241 4.50 -28.20 6.02
C TYR A 241 4.96 -27.19 4.97
N ASN A 242 6.10 -27.43 4.32
CA ASN A 242 6.65 -26.56 3.29
C ASN A 242 6.87 -25.13 3.80
N TYR A 243 7.31 -25.04 5.05
CA TYR A 243 7.86 -23.81 5.60
C TYR A 243 9.38 -23.86 5.52
N GLU A 244 9.98 -22.69 5.28
CA GLU A 244 11.44 -22.64 5.29
C GLU A 244 11.98 -22.95 6.68
N PRO A 245 13.15 -23.56 6.75
CA PRO A 245 13.76 -23.74 8.06
C PRO A 245 14.16 -22.40 8.66
N LEU A 246 14.20 -22.38 9.98
CA LEU A 246 14.63 -21.22 10.75
C LEU A 246 16.07 -21.41 11.14
N THR A 247 16.91 -20.42 10.83
CA THR A 247 18.31 -20.43 11.18
C THR A 247 18.56 -19.73 12.52
N GLN A 248 19.75 -19.95 13.07
CA GLN A 248 20.11 -19.21 14.28
C GLN A 248 20.19 -17.71 14.01
N ASP A 249 20.58 -17.31 12.81
CA ASP A 249 20.54 -15.89 12.47
C ASP A 249 19.11 -15.36 12.47
N HIS A 250 18.15 -16.16 11.97
CA HIS A 250 16.75 -15.76 12.10
C HIS A 250 16.35 -15.60 13.56
N VAL A 251 16.75 -16.54 14.42
CA VAL A 251 16.41 -16.38 15.84
C VAL A 251 17.01 -15.08 16.38
N ASP A 252 18.26 -14.81 16.03
CA ASP A 252 18.91 -13.59 16.48
C ASP A 252 18.16 -12.36 15.98
N ILE A 253 17.73 -12.39 14.71
CA ILE A 253 17.03 -11.27 14.10
C ILE A 253 15.71 -10.98 14.78
N LEU A 254 15.09 -12.00 15.35
CA LEU A 254 13.85 -11.83 16.09
C LEU A 254 14.08 -11.40 17.53
N GLY A 255 15.33 -11.29 17.95
CA GLY A 255 15.63 -10.92 19.31
C GLY A 255 14.82 -9.71 19.75
N PRO A 256 15.00 -8.58 19.06
CA PRO A 256 14.31 -7.35 19.48
C PRO A 256 12.85 -7.57 19.75
N LEU A 257 12.17 -8.32 18.89
CA LEU A 257 10.76 -8.60 19.09
C LEU A 257 10.54 -9.51 20.30
N SER A 258 11.41 -10.50 20.49
CA SER A 258 11.28 -11.34 21.69
C SER A 258 11.49 -10.51 22.94
N ALA A 259 12.51 -9.65 22.94
CA ALA A 259 12.73 -8.74 24.05
C ALA A 259 11.48 -7.89 24.30
N GLN A 260 11.01 -7.21 23.27
CA GLN A 260 9.91 -6.27 23.41
C GLN A 260 8.71 -6.94 24.07
N THR A 261 8.42 -8.18 23.69
CA THR A 261 7.22 -8.87 24.12
C THR A 261 7.48 -9.85 25.25
N GLY A 262 8.74 -10.14 25.57
CA GLY A 262 9.04 -11.12 26.60
C GLY A 262 8.71 -12.54 26.22
N ILE A 263 8.68 -12.85 24.93
CA ILE A 263 8.33 -14.18 24.46
C ILE A 263 9.53 -14.73 23.72
N ALA A 264 10.07 -15.83 24.24
CA ALA A 264 11.25 -16.42 23.64
C ALA A 264 10.92 -16.85 22.22
N VAL A 265 11.89 -16.67 21.33
CA VAL A 265 11.70 -17.09 19.94
C VAL A 265 11.20 -18.53 19.88
N LEU A 266 11.85 -19.43 20.61
CA LEU A 266 11.43 -20.81 20.54
C LEU A 266 10.04 -21.04 21.14
N ASP A 267 9.58 -20.17 22.06
CA ASP A 267 8.19 -20.26 22.49
C ASP A 267 7.24 -19.87 21.37
N MET A 268 7.60 -18.84 20.60
CA MET A 268 6.77 -18.48 19.47
C MET A 268 6.79 -19.56 18.40
N CYS A 269 7.92 -20.25 18.23
CA CYS A 269 7.98 -21.40 17.33
C CYS A 269 7.01 -22.49 17.77
N ALA A 270 6.92 -22.73 19.08
CA ALA A 270 5.97 -23.71 19.57
C ALA A 270 4.53 -23.31 19.25
N SER A 271 4.20 -22.01 19.36
CA SER A 271 2.87 -21.56 18.96
C SER A 271 2.63 -21.83 17.48
N LEU A 272 3.62 -21.51 16.65
CA LEU A 272 3.46 -21.71 15.22
C LEU A 272 3.31 -23.17 14.89
N LYS A 273 4.08 -24.05 15.54
CA LYS A 273 3.95 -25.48 15.27
C LYS A 273 2.51 -25.93 15.50
N GLU A 274 1.90 -25.46 16.58
CA GLU A 274 0.52 -25.83 16.90
C GLU A 274 -0.44 -25.32 15.83
N LEU A 275 -0.24 -24.09 15.37
CA LEU A 275 -1.05 -23.56 14.28
C LEU A 275 -0.90 -24.39 13.01
N LEU A 276 0.34 -24.80 12.67
CA LEU A 276 0.52 -25.61 11.48
C LEU A 276 -0.21 -26.94 11.60
N GLN A 277 -0.22 -27.54 12.80
CA GLN A 277 -0.75 -28.90 12.92
C GLN A 277 -2.27 -28.90 13.04
N ASN A 278 -2.86 -27.83 13.57
CA ASN A 278 -4.30 -27.74 13.87
C ASN A 278 -5.08 -26.84 12.92
N GLY A 279 -4.51 -25.70 12.55
CA GLY A 279 -5.23 -24.67 11.84
C GLY A 279 -5.63 -23.56 12.79
N MET A 280 -6.39 -22.62 12.26
CA MET A 280 -6.81 -21.46 13.02
C MET A 280 -8.21 -21.63 13.61
N ASN A 281 -8.81 -22.81 13.46
CA ASN A 281 -10.12 -23.10 14.04
C ASN A 281 -11.13 -22.04 13.62
N GLY A 282 -11.02 -21.58 12.37
CA GLY A 282 -11.83 -20.49 11.89
C GLY A 282 -11.57 -19.15 12.53
N ARG A 283 -10.59 -19.06 13.43
CA ARG A 283 -10.23 -17.80 14.05
C ARG A 283 -9.37 -16.99 13.08
N THR A 284 -8.94 -15.80 13.52
CA THR A 284 -8.16 -14.91 12.68
C THR A 284 -7.07 -14.25 13.52
N ILE A 285 -6.01 -13.83 12.85
CA ILE A 285 -4.90 -13.14 13.49
C ILE A 285 -4.65 -11.86 12.72
N LEU A 286 -4.61 -10.74 13.43
CA LEU A 286 -4.56 -9.42 12.83
C LEU A 286 -5.51 -9.28 11.65
N GLY A 287 -6.68 -9.92 11.76
CA GLY A 287 -7.68 -9.87 10.71
C GLY A 287 -7.61 -10.99 9.68
N SER A 288 -6.50 -11.69 9.58
CA SER A 288 -6.31 -12.65 8.50
C SER A 288 -6.74 -14.05 8.92
N ALA A 289 -7.37 -14.78 7.99
CA ALA A 289 -7.61 -16.20 8.15
C ALA A 289 -6.41 -17.07 7.80
N LEU A 290 -5.32 -16.47 7.32
CA LEU A 290 -4.15 -17.20 6.87
C LEU A 290 -2.92 -16.61 7.56
N LEU A 291 -1.87 -17.41 7.67
CA LEU A 291 -0.63 -16.92 8.26
C LEU A 291 0.13 -16.09 7.23
N GLU A 292 0.39 -14.85 7.58
CA GLU A 292 1.02 -13.87 6.70
C GLU A 292 2.54 -14.01 6.77
N ASP A 293 3.21 -14.03 5.62
CA ASP A 293 4.66 -14.25 5.61
C ASP A 293 5.41 -13.21 4.79
N GLU A 294 4.80 -12.06 4.51
CA GLU A 294 5.47 -10.98 3.80
C GLU A 294 5.75 -9.75 4.66
N PHE A 295 5.91 -9.96 5.97
CA PHE A 295 6.48 -8.96 6.88
C PHE A 295 7.79 -9.48 7.44
N THR A 296 8.86 -8.76 7.21
CA THR A 296 10.12 -9.13 7.80
C THR A 296 10.18 -8.66 9.24
N PRO A 297 11.14 -9.18 10.02
CA PRO A 297 11.35 -8.61 11.36
C PRO A 297 11.65 -7.11 11.34
N PHE A 298 12.49 -6.65 10.42
CA PHE A 298 12.71 -5.21 10.24
C PHE A 298 11.39 -4.48 10.01
N ASP A 299 10.60 -4.96 9.04
CA ASP A 299 9.32 -4.32 8.77
C ASP A 299 8.49 -4.18 10.03
N VAL A 300 8.46 -5.23 10.86
CA VAL A 300 7.67 -5.16 12.08
C VAL A 300 8.30 -4.16 13.05
N VAL A 301 9.61 -4.26 13.25
CA VAL A 301 10.27 -3.41 14.24
C VAL A 301 10.03 -1.94 13.90
N ARG A 302 10.46 -1.54 12.71
CA ARG A 302 10.33 -0.16 12.23
C ARG A 302 8.98 0.43 12.63
N GLN A 303 7.94 -0.39 12.58
CA GLN A 303 6.57 0.07 12.70
C GLN A 303 5.98 -0.16 14.09
N CYS A 304 6.78 -0.65 15.04
CA CYS A 304 6.30 -0.84 16.42
C CYS A 304 7.34 -0.39 17.46
N SER B 5 -5.48 -14.23 -3.38
CA SER B 5 -6.78 -13.76 -3.95
C SER B 5 -6.59 -13.07 -5.30
N GLY B 6 -5.38 -12.60 -5.58
CA GLY B 6 -5.12 -11.80 -6.75
C GLY B 6 -5.23 -10.30 -6.52
N PHE B 7 -5.71 -9.86 -5.36
CA PHE B 7 -5.91 -8.44 -5.10
C PHE B 7 -4.97 -7.97 -4.01
N ARG B 8 -4.32 -6.83 -4.24
CA ARG B 8 -3.45 -6.18 -3.27
C ARG B 8 -4.13 -4.90 -2.76
N LYS B 9 -3.98 -4.60 -1.48
CA LYS B 9 -4.19 -3.21 -1.04
C LYS B 9 -3.10 -2.36 -1.68
N MET B 10 -3.49 -1.51 -2.63
CA MET B 10 -2.57 -0.66 -3.37
C MET B 10 -2.82 0.80 -3.04
N ALA B 11 -1.77 1.51 -2.61
CA ALA B 11 -1.88 2.94 -2.36
C ALA B 11 -1.61 3.72 -3.63
N PHE B 12 -2.00 4.99 -3.62
CA PHE B 12 -1.57 5.88 -4.66
C PHE B 12 -0.09 6.24 -4.51
N PRO B 13 0.60 6.50 -5.61
CA PRO B 13 1.97 7.01 -5.50
C PRO B 13 1.95 8.29 -4.68
N SER B 14 2.86 8.39 -3.72
CA SER B 14 2.78 9.42 -2.70
C SER B 14 3.56 10.69 -3.04
N GLY B 15 4.25 10.73 -4.17
CA GLY B 15 5.21 11.80 -4.41
C GLY B 15 4.60 13.20 -4.39
N LYS B 16 3.39 13.35 -4.96
CA LYS B 16 2.80 14.67 -5.01
C LYS B 16 2.44 15.13 -3.61
N VAL B 17 2.16 14.20 -2.71
CA VAL B 17 1.88 14.57 -1.31
C VAL B 17 3.16 14.74 -0.52
N GLU B 18 4.21 13.97 -0.83
CA GLU B 18 5.47 14.14 -0.13
C GLU B 18 5.98 15.56 -0.31
N GLY B 19 5.77 16.12 -1.50
CA GLY B 19 6.23 17.47 -1.81
C GLY B 19 5.49 18.56 -1.05
N CYS B 20 4.47 18.20 -0.28
CA CYS B 20 3.68 19.14 0.49
C CYS B 20 3.85 18.97 1.99
N MET B 21 4.62 18.00 2.45
CA MET B 21 4.71 17.78 3.90
C MET B 21 5.73 18.70 4.53
N VAL B 22 5.35 19.30 5.65
CA VAL B 22 6.24 20.10 6.48
C VAL B 22 6.06 19.70 7.94
N GLN B 23 6.89 20.28 8.81
CA GLN B 23 6.65 20.15 10.23
C GLN B 23 6.28 21.51 10.83
N VAL B 24 5.52 21.44 11.92
CA VAL B 24 5.01 22.60 12.62
C VAL B 24 5.28 22.37 14.09
N THR B 25 5.96 23.31 14.73
CA THR B 25 6.34 23.17 16.13
C THR B 25 5.87 24.39 16.91
N CYS B 26 5.26 24.12 18.06
CA CYS B 26 4.96 25.10 19.10
C CYS B 26 5.66 24.61 20.34
N GLY B 27 6.62 25.39 20.84
CA GLY B 27 7.39 24.95 21.99
C GLY B 27 8.18 23.70 21.69
N THR B 28 7.81 22.58 22.34
CA THR B 28 8.45 21.28 22.07
C THR B 28 7.53 20.32 21.32
N THR B 29 6.29 20.73 21.04
CA THR B 29 5.32 19.90 20.37
C THR B 29 5.47 20.06 18.85
N THR B 30 5.82 18.98 18.19
CA THR B 30 6.02 18.98 16.74
C THR B 30 5.05 18.01 16.11
N LEU B 31 4.31 18.46 15.12
CA LEU B 31 3.58 17.51 14.30
C LEU B 31 3.78 17.94 12.86
N ASN B 32 3.03 17.28 11.98
CA ASN B 32 3.15 17.47 10.55
C ASN B 32 2.09 18.45 10.06
N GLY B 33 2.45 19.18 8.99
CA GLY B 33 1.52 20.06 8.33
C GLY B 33 1.57 19.88 6.82
N LEU B 34 0.57 20.42 6.14
CA LEU B 34 0.38 20.28 4.71
C LEU B 34 0.49 21.65 4.08
N TRP B 35 1.49 21.82 3.21
CA TRP B 35 1.85 23.13 2.63
C TRP B 35 1.34 23.15 1.18
N LEU B 36 0.27 23.91 0.94
CA LEU B 36 -0.30 24.06 -0.40
C LEU B 36 -0.40 25.54 -0.68
N ASP B 37 0.16 25.96 -1.81
CA ASP B 37 0.25 27.38 -2.14
C ASP B 37 0.92 28.05 -0.94
N ASP B 38 0.37 29.12 -0.37
CA ASP B 38 1.02 29.82 0.72
C ASP B 38 0.33 29.60 2.05
N VAL B 39 -0.28 28.42 2.23
CA VAL B 39 -0.93 28.10 3.48
C VAL B 39 -0.42 26.74 3.95
N VAL B 40 -0.20 26.63 5.25
CA VAL B 40 0.11 25.38 5.90
C VAL B 40 -1.05 25.00 6.80
N TYR B 41 -1.53 23.77 6.64
CA TYR B 41 -2.65 23.23 7.38
C TYR B 41 -2.16 22.17 8.37
N CYS B 42 -2.59 22.24 9.63
CA CYS B 42 -2.13 21.24 10.59
C CYS B 42 -3.16 21.14 11.70
N PRO B 43 -3.08 20.10 12.50
CA PRO B 43 -4.02 19.97 13.62
C PRO B 43 -3.83 21.10 14.64
N ARG B 44 -4.94 21.61 15.15
CA ARG B 44 -4.82 22.74 16.08
C ARG B 44 -4.20 22.33 17.40
N HIS B 45 -4.22 21.04 17.76
CA HIS B 45 -3.60 20.74 19.04
C HIS B 45 -2.11 20.85 19.04
N VAL B 46 -1.44 21.29 17.97
CA VAL B 46 -0.04 21.65 18.09
C VAL B 46 0.15 22.74 19.14
N ILE B 47 -0.88 23.53 19.41
CA ILE B 47 -0.72 24.67 20.30
C ILE B 47 -0.89 24.24 21.75
N CYS B 48 -1.09 22.95 21.98
CA CYS B 48 -1.34 22.43 23.30
C CYS B 48 -0.07 22.08 24.04
N THR B 49 0.04 22.61 25.25
CA THR B 49 0.94 22.06 26.24
C THR B 49 0.44 20.69 26.66
N SER B 50 1.37 19.75 26.84
CA SER B 50 0.98 18.39 27.24
C SER B 50 0.02 18.39 28.42
N GLU B 51 0.01 19.47 29.20
CA GLU B 51 -0.94 19.61 30.29
C GLU B 51 -2.23 20.33 29.89
N ASP B 52 -2.24 21.05 28.76
CA ASP B 52 -3.46 21.66 28.26
C ASP B 52 -4.36 20.65 27.54
N MET B 53 -3.92 19.41 27.36
CA MET B 53 -4.57 18.50 26.43
C MET B 53 -5.80 17.79 27.01
N LEU B 54 -5.98 17.77 28.33
CA LEU B 54 -7.13 17.05 28.90
C LEU B 54 -8.46 17.67 28.45
N ASN B 55 -8.57 18.99 28.52
CA ASN B 55 -9.67 19.71 27.88
C ASN B 55 -9.19 21.09 27.46
N PRO B 56 -8.45 21.17 26.38
CA PRO B 56 -7.82 22.43 26.01
C PRO B 56 -8.87 23.49 25.75
N ASN B 57 -8.50 24.73 26.01
CA ASN B 57 -9.30 25.87 25.60
C ASN B 57 -8.64 26.45 24.36
N TYR B 58 -9.02 25.92 23.19
CA TYR B 58 -8.29 26.24 21.96
C TYR B 58 -8.39 27.72 21.62
N GLU B 59 -9.57 28.31 21.77
CA GLU B 59 -9.71 29.73 21.49
C GLU B 59 -8.78 30.55 22.40
N ASP B 60 -8.73 30.22 23.68
CA ASP B 60 -7.87 30.99 24.56
C ASP B 60 -6.39 30.75 24.25
N LEU B 61 -6.02 29.51 23.95
CA LEU B 61 -4.64 29.19 23.65
C LEU B 61 -4.17 29.94 22.40
N LEU B 62 -5.06 30.08 21.42
CA LEU B 62 -4.71 30.75 20.16
C LEU B 62 -4.57 32.26 20.35
N ILE B 63 -5.36 32.84 21.26
CA ILE B 63 -5.34 34.30 21.47
C ILE B 63 -3.98 34.75 21.94
N ARG B 64 -3.28 33.90 22.69
CA ARG B 64 -1.96 34.25 23.19
C ARG B 64 -0.89 34.08 22.12
N LYS B 65 -1.19 33.36 21.06
CA LYS B 65 -0.23 33.07 20.01
C LYS B 65 -0.07 34.24 19.04
N SER B 66 1.14 34.38 18.55
CA SER B 66 1.50 35.30 17.49
C SER B 66 2.15 34.51 16.35
N ASN B 67 2.23 35.14 15.19
CA ASN B 67 2.86 34.46 14.06
C ASN B 67 4.24 33.98 14.43
N HIS B 68 4.96 34.72 15.27
CA HIS B 68 6.35 34.41 15.55
C HIS B 68 6.52 33.28 16.56
N ASN B 69 5.43 32.73 17.10
CA ASN B 69 5.47 31.55 17.96
C ASN B 69 5.46 30.23 17.18
N PHE B 70 5.17 30.26 15.89
CA PHE B 70 5.04 29.02 15.14
C PHE B 70 6.32 28.79 14.35
N LEU B 71 6.94 27.63 14.55
CA LEU B 71 8.10 27.18 13.79
C LEU B 71 7.64 26.20 12.72
N VAL B 72 7.66 26.63 11.46
CA VAL B 72 7.29 25.80 10.33
C VAL B 72 8.56 25.53 9.53
N GLN B 73 8.85 24.27 9.27
CA GLN B 73 10.05 23.89 8.56
C GLN B 73 9.73 22.90 7.47
N ALA B 74 10.33 23.11 6.30
CA ALA B 74 10.38 22.12 5.25
C ALA B 74 11.78 21.52 5.30
N GLY B 75 11.87 20.29 5.73
CA GLY B 75 13.17 19.81 6.17
C GLY B 75 13.65 20.66 7.32
N ASN B 76 14.89 21.13 7.25
CA ASN B 76 15.41 22.05 8.25
C ASN B 76 15.33 23.51 7.81
N VAL B 77 14.62 23.81 6.75
CA VAL B 77 14.55 25.17 6.26
C VAL B 77 13.27 25.80 6.81
N GLN B 78 13.42 26.90 7.55
CA GLN B 78 12.28 27.55 8.15
C GLN B 78 11.46 28.30 7.11
N LEU B 79 10.15 28.20 7.25
CA LEU B 79 9.16 28.92 6.45
C LEU B 79 8.53 29.98 7.31
N ARG B 80 8.67 31.25 6.94
CA ARG B 80 8.16 32.30 7.80
C ARG B 80 6.63 32.34 7.77
N VAL B 81 6.03 32.35 8.95
CA VAL B 81 4.58 32.49 9.13
C VAL B 81 4.19 33.96 9.18
N ILE B 82 3.18 34.35 8.39
CA ILE B 82 2.73 35.73 8.29
C ILE B 82 1.26 35.91 8.64
N GLY B 83 0.58 34.85 9.05
CA GLY B 83 -0.82 34.95 9.43
C GLY B 83 -1.25 33.62 10.01
N HIS B 84 -2.24 33.62 10.88
CA HIS B 84 -2.68 32.36 11.47
C HIS B 84 -4.15 32.47 11.77
N SER B 85 -4.88 31.37 11.56
CA SER B 85 -6.27 31.30 11.94
C SER B 85 -6.65 29.86 12.22
N MET B 86 -7.80 29.67 12.86
CA MET B 86 -8.30 28.36 13.22
C MET B 86 -9.61 28.14 12.49
N GLN B 87 -9.73 26.98 11.86
CA GLN B 87 -10.95 26.58 11.18
C GLN B 87 -11.32 25.21 11.74
N ASN B 88 -12.36 25.18 12.60
CA ASN B 88 -12.72 23.96 13.30
C ASN B 88 -11.49 23.37 13.99
N CYS B 89 -11.10 22.13 13.68
CA CYS B 89 -9.99 21.54 14.40
C CYS B 89 -8.64 21.68 13.66
N VAL B 90 -8.55 22.50 12.62
CA VAL B 90 -7.28 22.71 11.93
C VAL B 90 -6.84 24.16 12.06
N LEU B 91 -5.53 24.32 12.14
CA LEU B 91 -4.87 25.61 12.11
C LEU B 91 -4.44 25.87 10.67
N LYS B 92 -4.62 27.11 10.21
CA LYS B 92 -4.14 27.57 8.92
C LYS B 92 -3.10 28.64 9.17
N LEU B 93 -1.88 28.39 8.71
CA LEU B 93 -0.76 29.30 8.88
C LEU B 93 -0.42 29.83 7.50
N LYS B 94 -0.59 31.15 7.30
CA LYS B 94 -0.20 31.76 6.07
C LYS B 94 1.32 31.92 6.13
N VAL B 95 2.01 31.54 5.06
CA VAL B 95 3.45 31.63 5.00
C VAL B 95 3.83 32.53 3.84
N ASP B 96 5.09 32.93 3.83
CA ASP B 96 5.53 33.95 2.89
C ASP B 96 6.06 33.37 1.59
N THR B 97 6.00 32.04 1.43
CA THR B 97 6.49 31.36 0.25
C THR B 97 5.39 30.42 -0.25
N ALA B 98 5.11 30.47 -1.54
CA ALA B 98 4.16 29.55 -2.15
C ALA B 98 4.89 28.25 -2.45
N ASN B 99 4.32 27.12 -2.03
CA ASN B 99 5.01 25.85 -2.28
C ASN B 99 5.16 25.57 -3.77
N PRO B 100 6.40 25.54 -4.29
CA PRO B 100 6.61 25.28 -5.72
C PRO B 100 6.19 23.88 -6.16
N LYS B 101 6.06 22.95 -5.22
CA LYS B 101 5.59 21.59 -5.49
C LYS B 101 4.08 21.40 -5.31
N THR B 102 3.32 22.47 -5.13
CA THR B 102 1.88 22.35 -4.94
C THR B 102 1.28 21.63 -6.14
N PRO B 103 0.59 20.52 -5.95
CA PRO B 103 -0.08 19.85 -7.07
C PRO B 103 -1.41 20.52 -7.35
N LYS B 104 -2.04 20.14 -8.46
CA LYS B 104 -3.46 20.39 -8.55
C LYS B 104 -4.12 19.63 -7.40
N TYR B 105 -5.01 20.29 -6.67
CA TYR B 105 -5.61 19.63 -5.50
C TYR B 105 -7.02 20.13 -5.22
N LYS B 106 -7.74 19.32 -4.42
CA LYS B 106 -9.01 19.68 -3.85
C LYS B 106 -9.08 19.10 -2.45
N PHE B 107 -9.99 19.64 -1.65
CA PHE B 107 -10.34 19.15 -0.33
C PHE B 107 -11.71 18.50 -0.43
N VAL B 108 -11.79 17.23 -0.10
CA VAL B 108 -13.06 16.52 -0.20
C VAL B 108 -13.35 15.83 1.12
N ARG B 109 -14.62 15.65 1.40
CA ARG B 109 -15.07 14.94 2.58
C ARG B 109 -15.61 13.59 2.13
N ILE B 110 -14.96 12.50 2.56
CA ILE B 110 -15.34 11.19 2.04
C ILE B 110 -16.43 10.59 2.93
N GLN B 111 -17.08 9.55 2.40
CA GLN B 111 -18.11 8.81 3.11
C GLN B 111 -17.54 7.52 3.68
N PRO B 112 -18.15 6.97 4.71
CA PRO B 112 -17.75 5.64 5.15
C PRO B 112 -17.77 4.64 4.01
N GLY B 113 -16.77 3.74 4.04
CA GLY B 113 -16.55 2.75 3.03
C GLY B 113 -15.55 3.17 2.00
N GLN B 114 -15.38 4.48 1.82
CA GLN B 114 -14.42 4.94 0.84
C GLN B 114 -13.01 4.70 1.36
N THR B 115 -12.11 4.45 0.43
CA THR B 115 -10.72 4.20 0.75
C THR B 115 -9.89 5.40 0.33
N PHE B 116 -8.69 5.45 0.88
CA PHE B 116 -7.75 6.52 0.61
C PHE B 116 -6.38 6.04 1.05
N SER B 117 -5.35 6.65 0.48
CA SER B 117 -3.98 6.38 0.87
C SER B 117 -3.60 7.29 2.01
N VAL B 118 -2.83 6.75 2.94
CA VAL B 118 -2.28 7.52 4.05
C VAL B 118 -0.78 7.59 3.88
N LEU B 119 -0.23 8.81 3.93
CA LEU B 119 1.21 8.99 3.95
C LEU B 119 1.59 9.26 5.40
N ALA B 120 2.09 8.24 6.08
CA ALA B 120 2.43 8.38 7.48
C ALA B 120 3.74 9.15 7.57
N CYS B 121 3.75 10.23 8.36
CA CYS B 121 4.87 11.15 8.43
C CYS B 121 5.24 11.41 9.87
N TYR B 122 6.52 11.73 10.09
CA TYR B 122 7.03 12.11 11.40
C TYR B 122 8.01 13.25 11.19
N ASN B 123 7.84 14.34 11.95
CA ASN B 123 8.74 15.47 11.83
C ASN B 123 8.80 15.98 10.39
N GLY B 124 7.68 15.87 9.71
CA GLY B 124 7.58 16.33 8.36
C GLY B 124 8.22 15.40 7.35
N SER B 125 8.72 14.23 7.77
CA SER B 125 9.38 13.30 6.86
C SER B 125 8.50 12.09 6.66
N PRO B 126 8.17 11.74 5.42
CA PRO B 126 7.36 10.54 5.19
C PRO B 126 8.10 9.28 5.57
N SER B 127 7.38 8.36 6.21
CA SER B 127 7.90 7.05 6.54
C SER B 127 7.26 5.92 5.73
N GLY B 128 5.99 6.03 5.33
CA GLY B 128 5.36 4.95 4.61
C GLY B 128 4.01 5.32 4.07
N VAL B 129 3.54 4.55 3.10
CA VAL B 129 2.25 4.82 2.50
C VAL B 129 1.43 3.53 2.46
N TYR B 130 0.15 3.65 2.80
CA TYR B 130 -0.72 2.48 2.83
C TYR B 130 -2.17 2.92 2.65
N GLN B 131 -2.99 1.95 2.25
CA GLN B 131 -4.38 2.17 1.96
C GLN B 131 -5.23 1.91 3.20
N CYS B 132 -6.18 2.81 3.46
CA CYS B 132 -7.10 2.73 4.58
C CYS B 132 -8.52 2.77 4.06
N ALA B 133 -9.45 2.19 4.79
CA ALA B 133 -10.85 2.37 4.51
C ALA B 133 -11.51 3.09 5.69
N MET B 134 -12.34 4.08 5.40
CA MET B 134 -13.10 4.74 6.43
C MET B 134 -14.19 3.77 6.88
N ARG B 135 -14.16 3.37 8.14
CA ARG B 135 -15.16 2.46 8.68
C ARG B 135 -16.53 3.15 8.85
N PRO B 136 -17.61 2.36 8.90
CA PRO B 136 -18.93 2.97 9.07
C PRO B 136 -19.05 3.71 10.38
N ASN B 137 -18.21 3.40 11.36
CA ASN B 137 -18.19 4.13 12.61
C ASN B 137 -17.16 5.27 12.59
N PHE B 138 -16.62 5.60 11.41
CA PHE B 138 -15.79 6.80 11.23
C PHE B 138 -14.44 6.70 11.93
N THR B 139 -13.92 5.48 12.05
CA THR B 139 -12.53 5.25 12.41
C THR B 139 -11.82 4.66 11.21
N ILE B 140 -10.50 4.72 11.23
CA ILE B 140 -9.69 3.98 10.28
C ILE B 140 -8.74 3.10 11.08
N LYS B 141 -8.29 2.02 10.45
CA LYS B 141 -7.34 1.08 11.04
C LYS B 141 -5.97 1.41 10.48
N GLY B 142 -5.34 2.42 11.07
CA GLY B 142 -4.08 2.93 10.62
C GLY B 142 -2.91 2.30 11.35
N SER B 143 -1.74 2.85 11.10
CA SER B 143 -0.49 2.49 11.76
C SER B 143 0.19 3.83 12.02
N PHE B 144 -0.05 4.37 13.20
CA PHE B 144 0.40 5.69 13.58
C PHE B 144 1.09 5.62 14.93
N LEU B 145 2.22 6.30 15.04
CA LEU B 145 2.97 6.44 16.28
C LEU B 145 2.89 7.88 16.76
N ASN B 146 3.38 8.14 17.98
CA ASN B 146 3.53 9.52 18.42
C ASN B 146 4.25 10.34 17.37
N GLY B 147 3.75 11.54 17.10
CA GLY B 147 4.34 12.43 16.14
C GLY B 147 3.71 12.36 14.77
N SER B 148 2.74 11.46 14.58
CA SER B 148 2.13 11.21 13.28
C SER B 148 1.01 12.20 12.95
N CYS B 149 0.47 12.90 13.93
CA CYS B 149 -0.63 13.80 13.64
C CYS B 149 -0.26 14.82 12.57
N GLY B 150 -1.25 15.16 11.77
CA GLY B 150 -1.03 15.98 10.61
C GLY B 150 -0.70 15.21 9.36
N SER B 151 -0.35 13.93 9.48
CA SER B 151 -0.34 13.03 8.31
C SER B 151 -1.70 13.04 7.63
N VAL B 152 -1.70 12.95 6.30
CA VAL B 152 -2.92 13.13 5.54
C VAL B 152 -3.24 11.88 4.74
N GLY B 153 -4.52 11.78 4.42
CA GLY B 153 -5.03 10.75 3.56
C GLY B 153 -5.56 11.41 2.30
N PHE B 154 -5.41 10.70 1.18
CA PHE B 154 -5.73 11.30 -0.10
C PHE B 154 -6.05 10.24 -1.15
N ASN B 155 -6.68 10.69 -2.22
CA ASN B 155 -6.83 9.97 -3.47
C ASN B 155 -6.28 10.82 -4.61
N ILE B 156 -5.86 10.18 -5.70
CA ILE B 156 -5.36 10.90 -6.86
C ILE B 156 -6.22 10.51 -8.05
N ASP B 157 -6.83 11.52 -8.68
CA ASP B 157 -7.62 11.38 -9.90
C ASP B 157 -6.89 12.10 -11.02
N TYR B 158 -6.31 11.33 -11.95
CA TYR B 158 -5.48 11.87 -13.00
C TYR B 158 -4.32 12.64 -12.39
N ASP B 159 -4.34 13.95 -12.47
CA ASP B 159 -3.25 14.75 -11.93
C ASP B 159 -3.60 15.36 -10.58
N CYS B 160 -4.84 15.19 -10.12
CA CYS B 160 -5.39 15.98 -9.04
C CYS B 160 -5.40 15.19 -7.74
N VAL B 161 -4.84 15.78 -6.70
CA VAL B 161 -4.84 15.19 -5.37
C VAL B 161 -6.07 15.67 -4.62
N SER B 162 -6.94 14.73 -4.21
CA SER B 162 -8.08 15.02 -3.36
C SER B 162 -7.67 14.66 -1.93
N PHE B 163 -7.44 15.67 -1.10
CA PHE B 163 -7.12 15.43 0.29
C PHE B 163 -8.41 15.22 1.09
N CYS B 164 -8.48 14.10 1.82
CA CYS B 164 -9.71 13.79 2.53
C CYS B 164 -9.55 13.58 4.02
N TYR B 165 -8.34 13.43 4.52
CA TYR B 165 -8.13 13.04 5.91
C TYR B 165 -6.88 13.73 6.45
N MET B 166 -6.99 14.18 7.69
CA MET B 166 -5.84 14.60 8.49
C MET B 166 -5.91 13.93 9.86
N HIS B 167 -4.79 13.41 10.31
CA HIS B 167 -4.80 12.52 11.46
C HIS B 167 -4.70 13.32 12.76
N HIS B 168 -5.55 12.97 13.73
CA HIS B 168 -5.52 13.66 15.02
C HIS B 168 -5.41 12.77 16.24
N MET B 169 -5.92 11.52 16.21
CA MET B 169 -5.88 10.76 17.46
C MET B 169 -6.06 9.25 17.30
N GLU B 170 -5.79 8.56 18.41
CA GLU B 170 -5.96 7.12 18.56
C GLU B 170 -7.05 6.86 19.60
N LEU B 171 -7.83 5.85 19.37
CA LEU B 171 -8.84 5.45 20.34
C LEU B 171 -8.36 4.26 21.17
N PRO B 172 -9.01 4.00 22.31
CA PRO B 172 -8.51 2.93 23.18
C PRO B 172 -8.41 1.59 22.47
N THR B 173 -9.35 1.28 21.60
CA THR B 173 -9.40 0.03 20.84
C THR B 173 -8.32 -0.07 19.75
N GLY B 174 -7.42 0.89 19.62
CA GLY B 174 -6.34 0.80 18.67
C GLY B 174 -6.61 1.44 17.32
N VAL B 175 -7.83 1.90 17.05
CA VAL B 175 -8.16 2.53 15.78
C VAL B 175 -7.96 4.04 15.89
N HIS B 176 -8.16 4.72 14.77
CA HIS B 176 -7.68 6.08 14.60
C HIS B 176 -8.82 6.95 14.10
N ALA B 177 -8.72 8.23 14.41
CA ALA B 177 -9.74 9.23 14.13
C ALA B 177 -9.10 10.57 13.76
N GLY B 178 -9.81 11.31 12.93
CA GLY B 178 -9.30 12.58 12.48
C GLY B 178 -10.34 13.33 11.68
N THR B 179 -9.86 14.31 10.91
CA THR B 179 -10.72 15.32 10.29
C THR B 179 -10.55 15.32 8.80
N ASP B 180 -11.41 16.07 8.13
CA ASP B 180 -11.15 16.45 6.75
C ASP B 180 -10.22 17.67 6.80
N LEU B 181 -9.92 18.23 5.65
CA LEU B 181 -8.95 19.32 5.59
C LEU B 181 -9.59 20.67 5.88
N GLU B 182 -10.89 20.69 6.15
CA GLU B 182 -11.55 21.82 6.76
C GLU B 182 -11.66 21.68 8.28
N GLY B 183 -11.06 20.64 8.85
CA GLY B 183 -10.98 20.52 10.28
C GLY B 183 -12.21 19.94 10.94
N ASN B 184 -13.16 19.43 10.17
CA ASN B 184 -14.34 18.77 10.73
C ASN B 184 -14.07 17.29 10.95
N PHE B 185 -14.18 16.85 12.21
CA PHE B 185 -13.97 15.44 12.50
C PHE B 185 -14.93 14.59 11.69
N TYR B 186 -14.44 13.41 11.29
CA TYR B 186 -15.30 12.31 10.90
C TYR B 186 -15.80 11.65 12.16
N GLY B 187 -17.11 11.48 12.27
CA GLY B 187 -17.66 10.84 13.45
C GLY B 187 -17.74 11.75 14.65
N PRO B 188 -18.08 11.18 15.80
CA PRO B 188 -18.44 12.01 16.97
C PRO B 188 -17.27 12.41 17.85
N PHE B 189 -16.05 12.35 17.33
CA PHE B 189 -14.88 12.54 18.18
C PHE B 189 -14.55 14.02 18.31
N VAL B 190 -13.71 14.32 19.31
CA VAL B 190 -13.22 15.66 19.59
C VAL B 190 -11.73 15.55 19.89
N ASP B 191 -10.99 16.65 19.65
CA ASP B 191 -9.54 16.63 19.86
C ASP B 191 -9.20 17.04 21.31
N ARG B 192 -9.47 16.10 22.21
CA ARG B 192 -9.13 16.19 23.63
C ARG B 192 -8.51 14.87 24.05
N GLN B 193 -7.57 14.93 25.00
CA GLN B 193 -6.91 13.71 25.45
C GLN B 193 -7.83 12.96 26.42
N THR B 194 -8.97 12.54 25.89
CA THR B 194 -9.95 11.77 26.64
C THR B 194 -10.20 10.43 25.95
N ALA B 195 -10.62 9.46 26.75
CA ALA B 195 -11.01 8.16 26.22
C ALA B 195 -12.36 8.30 25.55
N GLN B 196 -12.43 7.98 24.26
CA GLN B 196 -13.66 8.09 23.50
C GLN B 196 -13.91 6.76 22.83
N ALA B 197 -15.19 6.45 22.65
CA ALA B 197 -15.59 5.15 22.12
C ALA B 197 -16.13 5.34 20.73
N ALA B 198 -15.63 4.54 19.80
CA ALA B 198 -16.30 4.41 18.52
C ALA B 198 -17.59 3.61 18.69
N GLY B 199 -18.61 3.97 17.91
CA GLY B 199 -19.75 3.09 17.79
C GLY B 199 -19.33 1.70 17.33
N THR B 200 -20.16 0.71 17.61
CA THR B 200 -19.82 -0.63 17.13
C THR B 200 -19.66 -0.58 15.62
N ASP B 201 -18.63 -1.23 15.13
CA ASP B 201 -18.44 -1.19 13.68
C ASP B 201 -19.34 -2.19 12.97
N THR B 202 -19.51 -1.95 11.67
CA THR B 202 -20.32 -2.79 10.80
C THR B 202 -19.55 -3.06 9.53
N THR B 203 -20.02 -4.05 8.79
CA THR B 203 -19.39 -4.44 7.53
C THR B 203 -19.86 -3.54 6.40
N ILE B 204 -18.92 -3.17 5.53
CA ILE B 204 -19.18 -2.21 4.44
C ILE B 204 -19.77 -2.99 3.27
N THR B 205 -21.09 -2.97 3.19
CA THR B 205 -21.81 -3.81 2.27
C THR B 205 -21.43 -3.49 0.85
N VAL B 206 -21.39 -2.19 0.52
CA VAL B 206 -21.14 -1.82 -0.88
C VAL B 206 -19.81 -2.39 -1.34
N ASN B 207 -18.84 -2.48 -0.43
CA ASN B 207 -17.54 -2.99 -0.82
C ASN B 207 -17.53 -4.49 -0.90
N VAL B 208 -18.28 -5.16 -0.05
CA VAL B 208 -18.46 -6.61 -0.22
C VAL B 208 -19.06 -6.89 -1.58
N LEU B 209 -20.09 -6.14 -1.97
CA LEU B 209 -20.67 -6.34 -3.29
C LEU B 209 -19.63 -6.15 -4.38
N ALA B 210 -18.78 -5.12 -4.26
CA ALA B 210 -17.72 -4.91 -5.22
C ALA B 210 -16.80 -6.11 -5.30
N TRP B 211 -16.49 -6.69 -4.14
CA TRP B 211 -15.69 -7.90 -4.05
C TRP B 211 -16.37 -9.05 -4.77
N LEU B 212 -17.68 -9.22 -4.61
CA LEU B 212 -18.37 -10.28 -5.34
C LEU B 212 -18.31 -10.03 -6.84
N TYR B 213 -18.49 -8.78 -7.27
CA TYR B 213 -18.34 -8.45 -8.68
C TYR B 213 -16.94 -8.82 -9.17
N ALA B 214 -15.92 -8.45 -8.39
CA ALA B 214 -14.54 -8.84 -8.68
C ALA B 214 -14.44 -10.35 -8.88
N ALA B 215 -15.06 -11.12 -7.98
CA ALA B 215 -14.97 -12.56 -8.11
C ALA B 215 -15.59 -13.02 -9.43
N VAL B 216 -16.71 -12.42 -9.80
CA VAL B 216 -17.37 -12.81 -11.04
C VAL B 216 -16.48 -12.50 -12.23
N ILE B 217 -15.85 -11.32 -12.21
CA ILE B 217 -15.00 -10.91 -13.34
C ILE B 217 -13.88 -11.91 -13.55
N ASN B 218 -13.39 -12.51 -12.47
CA ASN B 218 -12.35 -13.52 -12.51
C ASN B 218 -12.87 -14.94 -12.67
N GLY B 219 -14.16 -15.13 -12.90
CA GLY B 219 -14.71 -16.43 -13.22
C GLY B 219 -15.16 -17.26 -12.03
N ASP B 220 -15.28 -16.66 -10.85
CA ASP B 220 -15.62 -17.33 -9.61
C ASP B 220 -17.05 -16.90 -9.30
N ARG B 221 -18.03 -17.71 -9.73
CA ARG B 221 -19.39 -17.21 -9.72
C ARG B 221 -20.41 -18.22 -9.21
N TRP B 222 -19.99 -19.16 -8.34
CA TRP B 222 -20.91 -20.18 -7.86
C TRP B 222 -22.07 -19.59 -7.05
N PHE B 223 -21.85 -18.44 -6.42
CA PHE B 223 -22.81 -17.84 -5.50
C PHE B 223 -23.92 -17.06 -6.18
N LEU B 224 -23.87 -16.87 -7.50
CA LEU B 224 -24.94 -16.16 -8.19
C LEU B 224 -26.19 -17.02 -8.19
N ASN B 225 -27.31 -16.48 -7.68
CA ASN B 225 -28.58 -17.21 -7.64
C ASN B 225 -29.54 -16.63 -8.68
N ARG B 226 -30.73 -17.25 -8.79
CA ARG B 226 -31.70 -16.87 -9.82
C ARG B 226 -32.65 -15.78 -9.37
N PHE B 227 -32.48 -15.24 -8.16
CA PHE B 227 -33.48 -14.37 -7.54
C PHE B 227 -32.99 -12.92 -7.47
N THR B 228 -33.89 -12.06 -7.00
CA THR B 228 -33.58 -10.67 -6.78
C THR B 228 -34.23 -10.25 -5.48
N THR B 229 -34.10 -8.98 -5.15
CA THR B 229 -34.66 -8.45 -3.92
C THR B 229 -34.91 -6.96 -4.11
N THR B 230 -35.72 -6.39 -3.24
CA THR B 230 -35.76 -4.94 -3.18
C THR B 230 -34.64 -4.45 -2.31
N LEU B 231 -34.29 -3.19 -2.51
CA LEU B 231 -33.28 -2.56 -1.69
C LEU B 231 -33.71 -2.50 -0.22
N ASN B 232 -34.98 -2.19 0.03
CA ASN B 232 -35.43 -2.12 1.42
C ASN B 232 -35.39 -3.48 2.09
N ASP B 233 -35.89 -4.53 1.41
CA ASP B 233 -35.82 -5.87 1.97
C ASP B 233 -34.38 -6.28 2.22
N PHE B 234 -33.48 -5.98 1.27
CA PHE B 234 -32.08 -6.33 1.49
C PHE B 234 -31.53 -5.58 2.71
N ASN B 235 -31.84 -4.31 2.85
CA ASN B 235 -31.28 -3.51 3.93
C ASN B 235 -31.75 -4.01 5.30
N LEU B 236 -33.00 -4.40 5.42
CA LEU B 236 -33.48 -4.89 6.70
C LEU B 236 -32.82 -6.20 7.06
N VAL B 237 -32.63 -7.08 6.09
CA VAL B 237 -31.88 -8.30 6.36
C VAL B 237 -30.45 -7.97 6.72
N ALA B 238 -29.81 -7.10 5.94
CA ALA B 238 -28.39 -6.85 6.14
C ALA B 238 -28.11 -6.36 7.55
N MET B 239 -28.97 -5.49 8.10
CA MET B 239 -28.71 -4.93 9.43
C MET B 239 -28.69 -6.03 10.48
N LYS B 240 -29.43 -7.11 10.29
CA LYS B 240 -29.43 -8.21 11.25
C LYS B 240 -28.12 -8.98 11.26
N TYR B 241 -27.30 -8.81 10.22
CA TYR B 241 -25.97 -9.41 10.14
C TYR B 241 -24.86 -8.39 10.38
N ASN B 242 -25.21 -7.20 10.88
CA ASN B 242 -24.24 -6.15 11.19
C ASN B 242 -23.55 -5.68 9.91
N TYR B 243 -24.30 -5.74 8.82
CA TYR B 243 -23.93 -5.14 7.54
C TYR B 243 -24.58 -3.77 7.44
N GLU B 244 -23.86 -2.84 6.82
CA GLU B 244 -24.41 -1.51 6.57
C GLU B 244 -25.57 -1.58 5.57
N PRO B 245 -26.58 -0.74 5.74
CA PRO B 245 -27.58 -0.61 4.68
C PRO B 245 -26.98 0.11 3.49
N LEU B 246 -27.48 -0.22 2.31
CA LEU B 246 -27.08 0.48 1.10
C LEU B 246 -27.84 1.79 0.95
N THR B 247 -27.15 2.78 0.41
CA THR B 247 -27.72 4.03 -0.03
C THR B 247 -27.89 4.01 -1.56
N GLN B 248 -28.68 4.97 -2.05
CA GLN B 248 -28.76 5.15 -3.49
C GLN B 248 -27.40 5.43 -4.11
N ASP B 249 -26.51 6.12 -3.39
CA ASP B 249 -25.19 6.39 -3.93
C ASP B 249 -24.37 5.11 -4.03
N HIS B 250 -24.57 4.18 -3.08
CA HIS B 250 -23.92 2.89 -3.19
C HIS B 250 -24.39 2.13 -4.43
N VAL B 251 -25.69 2.15 -4.71
CA VAL B 251 -26.19 1.48 -5.88
C VAL B 251 -25.59 2.07 -7.11
N ASP B 252 -25.43 3.39 -7.12
CA ASP B 252 -24.89 4.06 -8.29
C ASP B 252 -23.40 3.78 -8.49
N ILE B 253 -22.60 3.76 -7.43
CA ILE B 253 -21.17 3.52 -7.62
C ILE B 253 -20.88 2.06 -7.98
N LEU B 254 -21.86 1.16 -7.82
CA LEU B 254 -21.75 -0.22 -8.33
C LEU B 254 -22.15 -0.32 -9.80
N GLY B 255 -22.57 0.77 -10.42
CA GLY B 255 -23.03 0.75 -11.79
C GLY B 255 -22.03 0.17 -12.77
N PRO B 256 -20.82 0.70 -12.77
CA PRO B 256 -19.83 0.22 -13.74
C PRO B 256 -19.58 -1.28 -13.62
N LEU B 257 -19.48 -1.82 -12.40
CA LEU B 257 -19.24 -3.25 -12.24
C LEU B 257 -20.47 -4.05 -12.67
N SER B 258 -21.66 -3.53 -12.35
CA SER B 258 -22.89 -4.14 -12.81
C SER B 258 -22.92 -4.19 -14.33
N ALA B 259 -22.50 -3.10 -14.96
CA ALA B 259 -22.50 -3.09 -16.43
C ALA B 259 -21.42 -4.00 -17.00
N GLN B 260 -20.28 -4.11 -16.32
CA GLN B 260 -19.19 -4.94 -16.82
C GLN B 260 -19.56 -6.41 -16.78
N THR B 261 -20.35 -6.82 -15.77
CA THR B 261 -20.73 -8.22 -15.57
C THR B 261 -22.15 -8.53 -16.03
N GLY B 262 -22.99 -7.51 -16.28
CA GLY B 262 -24.37 -7.76 -16.63
C GLY B 262 -25.21 -8.26 -15.49
N ILE B 263 -24.69 -8.20 -14.28
CA ILE B 263 -25.41 -8.64 -13.09
C ILE B 263 -25.97 -7.39 -12.43
N ALA B 264 -27.30 -7.27 -12.43
CA ALA B 264 -27.99 -6.17 -11.78
C ALA B 264 -27.57 -6.06 -10.31
N VAL B 265 -27.49 -4.82 -9.83
CA VAL B 265 -27.07 -4.61 -8.44
C VAL B 265 -27.96 -5.40 -7.49
N LEU B 266 -29.28 -5.34 -7.71
CA LEU B 266 -30.21 -5.97 -6.77
C LEU B 266 -30.19 -7.49 -6.85
N ASP B 267 -29.81 -8.05 -8.01
CA ASP B 267 -29.56 -9.49 -8.07
C ASP B 267 -28.32 -9.87 -7.28
N MET B 268 -27.24 -9.06 -7.37
CA MET B 268 -26.10 -9.36 -6.53
C MET B 268 -26.45 -9.24 -5.05
N CYS B 269 -27.27 -8.25 -4.69
CA CYS B 269 -27.73 -8.15 -3.30
C CYS B 269 -28.44 -9.44 -2.86
N ALA B 270 -29.27 -9.99 -3.75
CA ALA B 270 -29.96 -11.23 -3.42
C ALA B 270 -28.98 -12.40 -3.29
N SER B 271 -27.90 -12.41 -4.06
CA SER B 271 -26.85 -13.41 -3.85
C SER B 271 -26.14 -13.20 -2.51
N LEU B 272 -25.86 -11.94 -2.17
CA LEU B 272 -25.23 -11.70 -0.87
C LEU B 272 -26.16 -12.09 0.26
N LYS B 273 -27.44 -11.76 0.14
CA LYS B 273 -28.41 -12.12 1.16
C LYS B 273 -28.38 -13.62 1.41
N GLU B 274 -28.28 -14.41 0.34
CA GLU B 274 -28.25 -15.86 0.54
C GLU B 274 -26.96 -16.29 1.21
N LEU B 275 -25.84 -15.63 0.89
CA LEU B 275 -24.59 -15.96 1.57
C LEU B 275 -24.67 -15.63 3.06
N LEU B 276 -25.33 -14.53 3.39
CA LEU B 276 -25.46 -14.15 4.80
C LEU B 276 -26.35 -15.14 5.54
N GLN B 277 -27.46 -15.52 4.91
CA GLN B 277 -28.46 -16.37 5.56
C GLN B 277 -28.03 -17.83 5.59
N ASN B 278 -27.18 -18.27 4.66
CA ASN B 278 -26.80 -19.66 4.56
C ASN B 278 -25.32 -19.91 4.78
N GLY B 279 -24.50 -18.88 4.94
CA GLY B 279 -23.06 -19.09 5.04
C GLY B 279 -22.45 -19.63 3.75
N MET B 280 -21.13 -19.76 3.78
CA MET B 280 -20.39 -20.25 2.62
C MET B 280 -20.44 -21.78 2.52
N ASN B 281 -20.77 -22.46 3.60
CA ASN B 281 -20.83 -23.92 3.60
C ASN B 281 -19.54 -24.52 3.03
N GLY B 282 -18.42 -24.15 3.65
CA GLY B 282 -17.13 -24.69 3.31
C GLY B 282 -16.54 -24.19 2.00
N ARG B 283 -17.22 -23.31 1.29
CA ARG B 283 -16.76 -22.87 -0.01
C ARG B 283 -15.94 -21.60 0.13
N THR B 284 -15.28 -21.22 -0.95
CA THR B 284 -14.49 -20.01 -0.96
C THR B 284 -14.86 -19.15 -2.16
N ILE B 285 -14.48 -17.88 -2.03
CA ILE B 285 -14.67 -16.85 -3.04
C ILE B 285 -13.36 -16.13 -3.16
N LEU B 286 -12.80 -16.11 -4.36
CA LEU B 286 -11.47 -15.52 -4.62
C LEU B 286 -10.43 -16.07 -3.64
N GLY B 287 -10.57 -17.35 -3.30
CA GLY B 287 -9.58 -17.97 -2.44
C GLY B 287 -9.65 -17.43 -1.02
N SER B 288 -10.84 -17.52 -0.43
CA SER B 288 -11.04 -17.09 0.94
C SER B 288 -12.47 -17.39 1.36
N ALA B 289 -12.66 -17.89 2.59
CA ALA B 289 -13.99 -18.04 3.15
C ALA B 289 -14.49 -16.75 3.78
N LEU B 290 -13.64 -15.74 3.87
CA LEU B 290 -14.02 -14.45 4.42
C LEU B 290 -14.32 -13.47 3.30
N LEU B 291 -15.42 -12.72 3.45
CA LEU B 291 -15.74 -11.66 2.49
C LEU B 291 -14.97 -10.41 2.85
N GLU B 292 -14.36 -9.80 1.85
CA GLU B 292 -13.53 -8.62 2.04
C GLU B 292 -14.39 -7.38 1.88
N ASP B 293 -14.17 -6.39 2.76
CA ASP B 293 -14.98 -5.18 2.70
C ASP B 293 -14.16 -3.90 2.61
N GLU B 294 -12.87 -3.96 2.27
CA GLU B 294 -12.07 -2.75 2.16
C GLU B 294 -11.58 -2.46 0.74
N PHE B 295 -12.19 -3.08 -0.27
CA PHE B 295 -12.02 -2.72 -1.67
C PHE B 295 -13.29 -2.07 -2.19
N THR B 296 -13.20 -0.80 -2.57
CA THR B 296 -14.34 -0.12 -3.16
C THR B 296 -14.55 -0.55 -4.61
N PRO B 297 -15.68 -0.18 -5.18
CA PRO B 297 -15.90 -0.47 -6.60
C PRO B 297 -14.82 0.17 -7.49
N PHE B 298 -14.38 1.38 -7.17
CA PHE B 298 -13.27 2.02 -7.90
C PHE B 298 -12.00 1.20 -7.78
N ASP B 299 -11.68 0.78 -6.56
CA ASP B 299 -10.50 -0.05 -6.31
C ASP B 299 -10.54 -1.32 -7.15
N VAL B 300 -11.72 -1.96 -7.25
CA VAL B 300 -11.80 -3.19 -8.02
C VAL B 300 -11.49 -2.91 -9.48
N VAL B 301 -12.08 -1.85 -10.03
CA VAL B 301 -11.85 -1.49 -11.42
C VAL B 301 -10.39 -1.08 -11.65
N ARG B 302 -9.79 -0.38 -10.67
CA ARG B 302 -8.36 -0.06 -10.73
C ARG B 302 -7.52 -1.31 -10.99
N GLN B 303 -7.71 -2.34 -10.16
CA GLN B 303 -6.81 -3.49 -10.22
C GLN B 303 -7.16 -4.48 -11.33
N CYS B 304 -8.42 -4.55 -11.75
CA CYS B 304 -8.80 -5.57 -12.71
C CYS B 304 -8.52 -5.13 -14.14
N SER B 305 -8.56 -3.81 -14.40
CA SER B 305 -8.65 -3.31 -15.77
C SER B 305 -7.65 -2.20 -16.08
N1 UV2 C . 4.97 -12.28 -21.16
C7 UV2 C . 4.60 -9.90 -20.57
C8 UV2 C . 4.18 -7.72 -19.47
N2 UV2 C . 4.99 -8.91 -19.75
C9 UV2 C . 3.60 -7.79 -18.06
O1 UV2 C . 4.17 -12.65 -19.08
C1 UV2 C . 4.20 -12.91 -20.26
O5 UV2 C . 3.46 -13.83 -20.89
C5 UV2 C . 8.33 -11.30 -23.60
C6 UV2 C . 8.69 -11.63 -21.14
N3 UV2 C . 0.74 -9.15 -16.55
C4 UV2 C . 7.66 -11.61 -22.26
O4 UV2 C . 3.48 -9.94 -21.10
C3 UV2 C . 6.55 -10.61 -21.97
O3 UV2 C . 5.49 -6.36 -20.98
C2 UV2 C . 5.61 -11.01 -20.83
C10 UV2 C . 2.57 -8.91 -17.93
C13 UV2 C . 1.31 -8.71 -18.75
C11 UV2 C . 2.07 -9.07 -16.51
C12 UV2 C . 0.21 -9.31 -17.89
O2 UV2 C . 2.77 -9.13 -15.50
C14 UV2 C . 5.03 -6.48 -19.65
C15 UV2 C . 2.53 -14.60 -20.09
C16 UV2 C . 3.23 -15.81 -19.58
C17 UV2 C . 1.47 -17.99 -20.68
C18 UV2 C . 0.34 -18.80 -20.65
C19 UV2 C . -0.08 -19.45 -21.79
C20 UV2 C . 0.60 -19.30 -22.97
C21 UV2 C . 1.72 -18.50 -23.03
C22 UV2 C . 2.16 -17.84 -21.89
S1 UV2 C . 2.06 -17.15 -19.25
N1 UUR D . 4.96 -12.20 -21.18
C4 UUR D . 7.64 -11.86 -22.36
C5 UUR D . 8.38 -11.64 -23.68
C6 UUR D . 8.62 -12.01 -21.21
C7 UUR D . 4.78 -9.76 -20.78
C8 UUR D . 4.17 -7.80 -19.43
C10 UUR D . 2.54 -8.89 -17.84
C13 UUR D . 1.31 -8.73 -18.72
C1 UUR D . 4.16 -12.72 -20.24
C11 UUR D . 1.96 -8.93 -16.45
C12 UUR D . 0.18 -9.33 -17.90
C2 UUR D . 5.70 -10.97 -20.93
C3 UUR D . 6.67 -10.72 -22.08
C9 UUR D . 3.59 -7.81 -18.02
O1 UUR D . 4.06 -12.30 -19.12
O2 UUR D . 2.61 -8.83 -15.40
C14 UUR D . 5.02 -6.57 -19.67
C15 UUR D . 2.56 -14.46 -19.91
C16 UUR D . 3.21 -15.76 -19.55
C17 UUR D . 1.44 -17.92 -20.71
C18 UUR D . 0.32 -18.74 -20.68
C19 UUR D . -0.08 -19.41 -21.84
C20 UUR D . 0.63 -19.28 -23.00
C21 UUR D . 1.75 -18.47 -23.04
C22 UUR D . 2.16 -17.80 -21.90
N2 UUR D . 4.96 -9.01 -19.69
N3 UUR D . 0.65 -9.11 -16.52
O3 UUR D . 4.26 -5.39 -19.52
O4 UUR D . 3.93 -9.53 -21.63
O5 UUR D . 3.48 -13.75 -20.78
S1 UUR D . 1.99 -17.06 -19.27
N1 UV2 E . -4.59 12.06 21.82
C7 UV2 E . -2.75 12.13 20.15
C8 UV2 E . -1.20 11.94 18.23
N2 UV2 E . -2.45 12.34 18.86
C9 UV2 E . -1.39 10.63 17.46
O1 UV2 E . -4.41 9.95 21.04
C1 UV2 E . -4.81 10.74 21.87
O5 UV2 E . -5.54 10.43 22.95
C5 UV2 E . -5.02 16.41 21.45
C6 UV2 E . -6.46 14.43 20.96
N3 UV2 E . -1.01 7.16 18.14
C4 UV2 E . -5.13 14.89 21.53
O4 UV2 E . -2.01 11.54 20.93
C3 UV2 E . -3.96 14.21 20.84
O3 UV2 E . -0.46 14.23 18.01
C2 UV2 E . -4.09 12.71 20.62
C10 UV2 E . -1.50 9.41 18.37
C13 UV2 E . -0.24 9.11 19.16
C11 UV2 E . -1.79 8.11 17.64
C12 UV2 E . -0.22 7.59 19.29
O2 UV2 E . -2.62 7.95 16.72
C14 UV2 E . -0.70 13.05 17.30
C15 UV2 E . -5.78 9.02 23.21
C16 UV2 E . -6.56 8.90 24.48
N1 UUR F . -4.47 12.11 21.74
C4 UUR F . -5.23 15.04 21.43
C5 UUR F . -5.03 16.42 22.03
C6 UUR F . -6.14 15.12 20.21
C7 UUR F . -2.61 12.47 20.14
C8 UUR F . -1.22 11.87 18.20
C10 UUR F . -1.40 9.34 18.26
C13 UUR F . -0.09 9.04 18.98
C1 UUR F . -4.75 10.81 21.56
C11 UUR F . -1.68 8.05 17.50
C12 UUR F . -0.04 7.52 19.08
C2 UUR F . -3.97 12.93 20.64
C3 UUR F . -3.90 14.40 21.07
C9 UUR F . -1.33 10.59 17.38
O1 UUR F . -5.14 10.32 20.52
O2 UUR F . -2.55 7.90 16.62
C14 UUR F . -0.75 13.05 17.35
C15 UUR F . -5.12 8.81 22.79
C16 UUR F . -6.60 8.97 23.00
N2 UUR F . -2.49 12.19 18.84
N3 UUR F . -0.87 7.10 17.95
O3 UUR F . 0.52 12.79 16.80
O4 UUR F . -1.66 12.40 20.92
O5 UUR F . -4.52 10.13 22.70
O1 PG4 G . -17.85 -6.65 -19.81
C1 PG4 G . -18.53 -6.35 -21.01
C2 PG4 G . -19.97 -6.12 -20.71
O2 PG4 G . -20.59 -7.38 -20.41
C3 PG4 G . -21.91 -7.16 -19.99
C4 PG4 G . -22.31 -8.31 -19.15
O3 PG4 G . -21.85 -9.48 -19.74
C5 PG4 G . -22.49 -9.57 -21.00
C6 PG4 G . -22.67 -11.02 -21.33
O4 PG4 G . -22.87 -11.14 -22.74
C7 PG4 G . -24.22 -10.79 -23.00
C8 PG4 G . -24.49 -10.49 -24.45
O5 PG4 G . -25.30 -9.30 -24.49
#